data_6ULD
#
_entry.id   6ULD
#
_cell.length_a   63.650
_cell.length_b   60.010
_cell.length_c   101.660
_cell.angle_alpha   90.000
_cell.angle_beta   92.993
_cell.angle_gamma   90.000
#
_symmetry.space_group_name_H-M   'P 1 21 1'
#
loop_
_entity.id
_entity.type
_entity.pdbx_description
1 polymer 'Serine hydroxymethyltransferase'
2 non-polymer "PYRIDOXAL-5'-PHOSPHATE"
3 non-polymer GLYCINE
4 non-polymer SERINE
5 non-polymer (4S)-2-METHYL-2,4-PENTANEDIOL
6 water water
#
_entity_poly.entity_id   1
_entity_poly.type   'polypeptide(L)'
_entity_poly.pdbx_seq_one_letter_code
;MAHHHHHHMGTLEAQTQGPGSMSAPLAEVDPDIAELLAKELGRQRDTLEMIASENFVPRAVLQAQGSVLTNKYAEGLPGR
RYYGGCEHVDVVENLARDRAKALFGAEFANVQPHSGAQANAAVLHALMSPGERLLGLDLANGGHLTHGMRLNFSGKLYEN
GFYGVDPATHLIDMDAVRATALEFRPKVIIAGWSAYPRVLDFAAFRSIADEVGAKLLVDMAHFAGLVAAGLHPSPVPHAD
VVSTTVHKTLGGGRSGLIVGKQQYAKAINSAVFPGQQGGPLMHVIAGKAVALKIAATPEFADRQRRTLSGARIIADRLMA
PDVAKAGVSVVSGGTDVHLVLVDLRDSPLDGQAAEDLLHEVGITVNRNAVPNDPRPPMVTSGLRIGTPALATRGFGDTEF
TEVADIIATALATGSSVDVSALKDRATRLARAFPLYDGLEEWSLVGR
;
_entity_poly.pdbx_strand_id   A,B
#
loop_
_chem_comp.id
_chem_comp.type
_chem_comp.name
_chem_comp.formula
MPD non-polymer (4S)-2-METHYL-2,4-PENTANEDIOL 'C6 H14 O2'
PLP non-polymer PYRIDOXAL-5'-PHOSPHATE 'C8 H10 N O6 P'
#
# COMPACT_ATOMS: atom_id res chain seq x y z
N GLY A 20 -5.43 26.42 -9.01
CA GLY A 20 -6.80 26.15 -8.59
C GLY A 20 -6.93 24.90 -7.73
N SER A 21 -7.01 23.75 -8.38
CA SER A 21 -7.35 22.54 -7.65
C SER A 21 -6.22 22.05 -6.78
N MET A 22 -4.97 22.46 -7.04
CA MET A 22 -3.84 21.99 -6.23
CA MET A 22 -3.86 21.96 -6.23
C MET A 22 -3.94 22.45 -4.79
N SER A 23 -4.53 23.62 -4.55
CA SER A 23 -4.57 24.20 -3.22
CA SER A 23 -4.57 24.18 -3.21
C SER A 23 -5.99 24.30 -2.66
N ALA A 24 -7.00 23.82 -3.38
CA ALA A 24 -8.36 23.93 -2.88
C ALA A 24 -8.66 22.80 -1.89
N PRO A 25 -9.45 23.08 -0.85
CA PRO A 25 -9.78 22.02 0.11
C PRO A 25 -10.61 20.93 -0.54
N LEU A 26 -10.52 19.73 0.06
CA LEU A 26 -11.32 18.60 -0.39
C LEU A 26 -12.79 18.95 -0.51
N ALA A 27 -13.32 19.74 0.43
CA ALA A 27 -14.75 20.06 0.43
C ALA A 27 -15.16 20.79 -0.82
N GLU A 28 -14.23 21.50 -1.47
CA GLU A 28 -14.52 22.20 -2.71
C GLU A 28 -14.19 21.35 -3.94
N VAL A 29 -13.09 20.60 -3.89
CA VAL A 29 -12.66 19.81 -5.04
C VAL A 29 -13.60 18.62 -5.25
N ASP A 30 -14.00 17.97 -4.17
CA ASP A 30 -14.73 16.70 -4.26
C ASP A 30 -15.71 16.61 -3.10
N PRO A 31 -16.83 17.34 -3.20
CA PRO A 31 -17.80 17.32 -2.09
C PRO A 31 -18.31 15.94 -1.75
N ASP A 32 -18.46 15.05 -2.73
CA ASP A 32 -18.91 13.70 -2.45
C ASP A 32 -17.95 12.97 -1.50
N ILE A 33 -16.65 13.03 -1.80
CA ILE A 33 -15.69 12.36 -0.93
C ILE A 33 -15.58 13.08 0.41
N ALA A 34 -15.64 14.42 0.40
CA ALA A 34 -15.63 15.15 1.66
C ALA A 34 -16.79 14.71 2.55
N GLU A 35 -17.98 14.56 1.97
CA GLU A 35 -19.13 14.13 2.76
CA GLU A 35 -19.14 14.13 2.77
C GLU A 35 -18.96 12.71 3.28
N LEU A 36 -18.38 11.82 2.47
CA LEU A 36 -18.20 10.44 2.93
C LEU A 36 -17.14 10.36 4.03
N LEU A 37 -16.12 11.21 3.99
CA LEU A 37 -15.18 11.27 5.11
C LEU A 37 -15.90 11.66 6.39
N ALA A 38 -16.82 12.63 6.29
CA ALA A 38 -17.57 13.05 7.47
C ALA A 38 -18.50 11.95 7.94
N LYS A 39 -19.15 11.26 7.01
CA LYS A 39 -20.05 10.18 7.40
C LYS A 39 -19.30 9.04 8.06
N GLU A 40 -18.11 8.71 7.54
CA GLU A 40 -17.35 7.62 8.13
C GLU A 40 -16.83 8.00 9.52
N LEU A 41 -16.39 9.25 9.68
CA LEU A 41 -16.00 9.72 11.01
C LEU A 41 -17.20 9.68 11.96
N GLY A 42 -18.37 10.10 11.48
CA GLY A 42 -19.57 10.01 12.30
C GLY A 42 -19.92 8.59 12.67
N ARG A 43 -19.74 7.65 11.74
CA ARG A 43 -20.02 6.25 12.01
C ARG A 43 -19.08 5.71 13.08
N GLN A 44 -17.78 6.00 12.96
CA GLN A 44 -16.82 5.54 13.97
C GLN A 44 -17.16 6.12 15.34
N ARG A 45 -17.62 7.37 15.38
CA ARG A 45 -18.02 7.98 16.64
C ARG A 45 -19.28 7.36 17.20
N ASP A 46 -20.25 7.05 16.33
CA ASP A 46 -21.59 6.69 16.82
C ASP A 46 -21.73 5.21 17.15
N THR A 47 -21.02 4.34 16.44
CA THR A 47 -21.08 2.91 16.71
C THR A 47 -20.04 2.55 17.77
N LEU A 48 -20.17 1.33 18.30
CA LEU A 48 -19.13 0.73 19.13
C LEU A 48 -18.39 -0.25 18.23
N GLU A 49 -17.19 0.15 17.79
CA GLU A 49 -16.45 -0.62 16.79
C GLU A 49 -15.74 -1.76 17.49
N MET A 50 -16.16 -3.01 17.19
CA MET A 50 -15.63 -4.18 17.88
C MET A 50 -15.15 -5.24 16.91
N ILE A 51 -14.68 -4.80 15.74
CA ILE A 51 -13.94 -5.66 14.84
C ILE A 51 -12.54 -5.84 15.41
N ALA A 52 -12.14 -7.10 15.67
CA ALA A 52 -10.95 -7.35 16.47
C ALA A 52 -9.66 -6.97 15.75
N SER A 53 -9.70 -6.83 14.43
CA SER A 53 -8.55 -6.39 13.65
C SER A 53 -8.52 -4.89 13.42
N GLU A 54 -9.45 -4.14 14.00
CA GLU A 54 -9.47 -2.69 13.83
C GLU A 54 -8.99 -1.99 15.09
N ASN A 55 -8.70 -0.70 14.92
CA ASN A 55 -8.30 0.18 16.01
C ASN A 55 -8.59 1.61 15.55
N PHE A 56 -8.21 2.56 16.39
CA PHE A 56 -8.31 3.98 16.03
C PHE A 56 -6.91 4.58 16.09
N VAL A 57 -6.40 5.05 14.95
CA VAL A 57 -5.05 5.63 14.95
C VAL A 57 -5.04 6.97 15.68
N PRO A 58 -3.92 7.36 16.25
CA PRO A 58 -3.83 8.68 16.86
C PRO A 58 -3.71 9.78 15.81
N ARG A 59 -4.01 11.00 16.27
CA ARG A 59 -3.86 12.20 15.46
C ARG A 59 -2.53 12.25 14.73
N ALA A 60 -1.44 11.93 15.43
CA ALA A 60 -0.11 12.04 14.84
C ALA A 60 0.06 11.11 13.64
N VAL A 61 -0.59 9.95 13.66
CA VAL A 61 -0.51 9.03 12.53
C VAL A 61 -1.36 9.54 11.36
N LEU A 62 -2.53 10.14 11.64
CA LEU A 62 -3.28 10.80 10.58
C LEU A 62 -2.43 11.86 9.88
N GLN A 63 -1.74 12.69 10.68
CA GLN A 63 -0.89 13.73 10.11
C GLN A 63 0.22 13.14 9.26
N ALA A 64 0.87 12.08 9.75
CA ALA A 64 1.94 11.48 8.95
C ALA A 64 1.40 10.91 7.65
N GLN A 65 0.24 10.23 7.70
CA GLN A 65 -0.28 9.61 6.49
C GLN A 65 -0.81 10.64 5.52
N GLY A 66 -1.16 11.84 6.01
CA GLY A 66 -1.56 12.92 5.13
C GLY A 66 -0.42 13.84 4.71
N SER A 67 0.83 13.38 4.83
CA SER A 67 1.98 14.27 4.61
C SER A 67 2.48 14.21 3.16
N VAL A 68 3.31 15.18 2.81
CA VAL A 68 3.84 15.28 1.45
C VAL A 68 4.88 14.21 1.17
N LEU A 69 5.20 13.37 2.16
CA LEU A 69 6.11 12.26 1.90
C LEU A 69 5.55 11.30 0.85
N THR A 70 4.25 11.33 0.59
CA THR A 70 3.71 10.56 -0.52
C THR A 70 4.37 10.91 -1.85
N ASN A 71 4.92 12.13 -1.98
CA ASN A 71 5.48 12.58 -3.26
C ASN A 71 6.86 11.99 -3.56
N LYS A 72 7.49 11.28 -2.62
CA LYS A 72 8.89 10.89 -2.79
C LYS A 72 9.01 9.44 -3.24
N TYR A 73 9.68 9.22 -4.37
CA TYR A 73 10.09 7.87 -4.76
C TYR A 73 11.38 7.52 -4.03
N ALA A 74 11.37 6.38 -3.33
CA ALA A 74 12.51 6.03 -2.48
C ALA A 74 12.77 4.52 -2.53
N GLU A 75 12.79 3.96 -3.74
CA GLU A 75 13.15 2.55 -3.90
C GLU A 75 14.53 2.29 -3.34
N GLY A 76 14.68 1.12 -2.73
CA GLY A 76 15.95 0.72 -2.13
C GLY A 76 15.85 0.72 -0.63
N LEU A 77 16.95 1.03 0.05
CA LEU A 77 17.03 1.09 1.50
C LEU A 77 17.70 2.41 1.87
N PRO A 78 17.58 2.83 3.13
CA PRO A 78 18.26 4.06 3.54
C PRO A 78 19.74 4.03 3.21
N GLY A 79 20.23 5.09 2.58
CA GLY A 79 21.62 5.13 2.17
C GLY A 79 21.96 4.26 0.97
N ARG A 80 21.00 3.49 0.47
CA ARG A 80 21.16 2.64 -0.71
C ARG A 80 19.95 2.82 -1.61
N ARG A 81 19.71 4.07 -2.00
CA ARG A 81 18.57 4.41 -2.82
C ARG A 81 18.97 4.52 -4.28
N TYR A 82 17.97 4.44 -5.14
CA TYR A 82 18.24 4.61 -6.55
C TYR A 82 18.12 6.07 -6.99
N TYR A 83 17.31 6.86 -6.29
CA TYR A 83 17.15 8.26 -6.66
CA TYR A 83 17.02 8.26 -6.59
C TYR A 83 17.72 9.18 -5.61
N GLY A 84 18.05 10.39 -6.06
CA GLY A 84 18.52 11.42 -5.17
C GLY A 84 17.40 12.02 -4.34
N GLY A 85 17.79 12.89 -3.42
CA GLY A 85 16.83 13.62 -2.62
C GLY A 85 16.24 12.87 -1.45
N CYS A 86 16.80 11.73 -1.06
CA CYS A 86 16.21 10.91 -0.02
C CYS A 86 16.81 11.17 1.36
N GLU A 87 17.53 12.28 1.54
CA GLU A 87 18.24 12.49 2.80
C GLU A 87 17.29 12.57 3.99
N HIS A 88 16.06 13.05 3.80
CA HIS A 88 15.14 13.12 4.95
C HIS A 88 14.31 11.85 5.09
N VAL A 89 13.81 11.28 3.99
CA VAL A 89 13.04 10.05 4.15
C VAL A 89 13.93 8.91 4.63
N ASP A 90 15.25 8.99 4.38
CA ASP A 90 16.15 7.96 4.91
C ASP A 90 16.18 7.98 6.42
N VAL A 91 16.19 9.17 7.03
CA VAL A 91 16.15 9.26 8.49
C VAL A 91 14.82 8.74 9.01
N VAL A 92 13.72 9.09 8.33
CA VAL A 92 12.40 8.57 8.70
C VAL A 92 12.42 7.05 8.72
N GLU A 93 12.91 6.43 7.65
CA GLU A 93 12.88 4.97 7.58
C GLU A 93 13.81 4.35 8.60
N ASN A 94 14.97 4.97 8.83
CA ASN A 94 15.87 4.46 9.86
C ASN A 94 15.25 4.56 11.25
N LEU A 95 14.52 5.64 11.53
CA LEU A 95 13.84 5.74 12.82
C LEU A 95 12.80 4.64 12.97
N ALA A 96 12.03 4.37 11.91
CA ALA A 96 11.05 3.30 11.97
C ALA A 96 11.73 1.95 12.18
N ARG A 97 12.81 1.69 11.44
CA ARG A 97 13.54 0.42 11.61
C ARG A 97 14.13 0.28 13.01
N ASP A 98 14.79 1.34 13.49
CA ASP A 98 15.44 1.24 14.79
C ASP A 98 14.41 1.11 15.91
N ARG A 99 13.27 1.80 15.79
CA ARG A 99 12.26 1.70 16.82
C ARG A 99 11.59 0.33 16.80
N ALA A 100 11.40 -0.25 15.60
CA ALA A 100 10.86 -1.60 15.52
C ALA A 100 11.81 -2.60 16.15
N LYS A 101 13.11 -2.51 15.85
CA LYS A 101 14.06 -3.43 16.45
CA LYS A 101 14.06 -3.43 16.45
C LYS A 101 14.10 -3.28 17.97
N ALA A 102 14.04 -2.04 18.47
CA ALA A 102 14.14 -1.82 19.90
C ALA A 102 12.87 -2.27 20.62
N LEU A 103 11.70 -1.94 20.06
CA LEU A 103 10.44 -2.30 20.70
C LEU A 103 10.27 -3.81 20.80
N PHE A 104 10.67 -4.54 19.76
CA PHE A 104 10.43 -5.98 19.72
C PHE A 104 11.66 -6.80 20.05
N GLY A 105 12.81 -6.17 20.27
CA GLY A 105 14.02 -6.92 20.57
C GLY A 105 14.51 -7.75 19.40
N ALA A 106 14.32 -7.26 18.17
CA ALA A 106 14.63 -8.00 16.96
C ALA A 106 15.98 -7.57 16.38
N GLU A 107 16.58 -8.47 15.61
CA GLU A 107 17.91 -8.23 15.08
C GLU A 107 17.90 -7.39 13.80
N PHE A 108 16.84 -7.47 12.99
CA PHE A 108 16.67 -6.58 11.86
C PHE A 108 15.20 -6.27 11.71
N ALA A 109 14.91 -5.23 10.92
CA ALA A 109 13.53 -4.90 10.58
C ALA A 109 13.50 -4.40 9.15
N ASN A 110 12.41 -4.71 8.44
CA ASN A 110 12.10 -4.06 7.18
C ASN A 110 10.72 -3.43 7.34
N VAL A 111 10.66 -2.11 7.18
CA VAL A 111 9.45 -1.35 7.46
C VAL A 111 8.72 -0.96 6.19
N GLN A 112 9.11 -1.51 5.04
CA GLN A 112 8.44 -1.16 3.79
C GLN A 112 7.18 -1.96 3.40
N PRO A 113 6.85 -3.12 3.97
CA PRO A 113 5.66 -3.83 3.45
C PRO A 113 4.40 -2.98 3.47
N HIS A 114 3.68 -2.99 2.34
CA HIS A 114 2.47 -2.18 2.19
C HIS A 114 1.33 -2.64 3.09
N SER A 115 1.39 -3.87 3.58
CA SER A 115 0.24 -4.50 4.24
C SER A 115 0.74 -5.76 4.94
N GLY A 116 -0.13 -6.35 5.75
CA GLY A 116 0.20 -7.66 6.31
C GLY A 116 0.37 -8.72 5.25
N ALA A 117 -0.51 -8.72 4.23
CA ALA A 117 -0.41 -9.69 3.14
C ALA A 117 0.90 -9.54 2.41
N GLN A 118 1.31 -8.30 2.15
CA GLN A 118 2.56 -8.07 1.43
C GLN A 118 3.77 -8.41 2.30
N ALA A 119 3.68 -8.20 3.61
CA ALA A 119 4.73 -8.70 4.50
C ALA A 119 4.88 -10.21 4.34
N ASN A 120 3.77 -10.93 4.40
CA ASN A 120 3.85 -12.39 4.30
C ASN A 120 4.32 -12.84 2.92
N ALA A 121 3.87 -12.16 1.85
CA ALA A 121 4.33 -12.53 0.51
C ALA A 121 5.85 -12.41 0.42
N ALA A 122 6.39 -11.34 1.00
CA ALA A 122 7.84 -11.17 0.97
C ALA A 122 8.56 -12.23 1.80
N VAL A 123 8.04 -12.57 2.97
CA VAL A 123 8.69 -13.60 3.78
C VAL A 123 8.75 -14.92 3.02
N LEU A 124 7.62 -15.32 2.41
CA LEU A 124 7.62 -16.61 1.72
C LEU A 124 8.49 -16.56 0.47
N HIS A 125 8.50 -15.43 -0.23
CA HIS A 125 9.44 -15.20 -1.32
C HIS A 125 10.88 -15.42 -0.87
N ALA A 126 11.23 -14.90 0.31
CA ALA A 126 12.60 -15.02 0.80
C ALA A 126 12.94 -16.44 1.24
N LEU A 127 11.98 -17.15 1.84
CA LEU A 127 12.27 -18.40 2.52
C LEU A 127 11.98 -19.66 1.71
N MET A 128 11.19 -19.57 0.64
CA MET A 128 10.88 -20.78 -0.09
C MET A 128 10.71 -20.48 -1.57
N SER A 129 10.64 -21.55 -2.36
CA SER A 129 10.46 -21.53 -3.80
C SER A 129 9.07 -22.06 -4.16
N PRO A 130 8.51 -21.64 -5.30
CA PRO A 130 7.23 -22.21 -5.72
C PRO A 130 7.28 -23.74 -5.74
N GLY A 131 6.21 -24.36 -5.24
CA GLY A 131 6.12 -25.80 -5.15
C GLY A 131 6.57 -26.39 -3.85
N GLU A 132 7.34 -25.66 -3.04
CA GLU A 132 7.79 -26.17 -1.76
C GLU A 132 6.63 -26.12 -0.75
N ARG A 133 6.83 -26.79 0.39
CA ARG A 133 5.73 -27.11 1.29
C ARG A 133 5.60 -26.10 2.42
N LEU A 134 4.37 -25.65 2.66
CA LEU A 134 4.05 -24.65 3.68
C LEU A 134 3.03 -25.25 4.64
N LEU A 135 3.28 -25.10 5.95
CA LEU A 135 2.37 -25.61 6.98
C LEU A 135 1.83 -24.44 7.80
N GLY A 136 0.50 -24.28 7.82
CA GLY A 136 -0.12 -23.20 8.58
C GLY A 136 -1.40 -23.65 9.26
N LEU A 137 -1.97 -22.74 10.04
CA LEU A 137 -3.24 -23.00 10.72
C LEU A 137 -4.38 -22.92 9.71
N ASP A 138 -5.21 -23.96 9.68
CA ASP A 138 -6.29 -24.03 8.70
C ASP A 138 -7.23 -22.85 8.88
N LEU A 139 -7.72 -22.32 7.76
CA LEU A 139 -8.56 -21.12 7.81
C LEU A 139 -9.79 -21.34 8.68
N ALA A 140 -10.44 -22.50 8.54
CA ALA A 140 -11.62 -22.80 9.36
C ALA A 140 -11.28 -23.05 10.82
N ASN A 141 -9.99 -23.14 11.16
CA ASN A 141 -9.55 -23.32 12.54
C ASN A 141 -8.88 -22.07 13.09
N GLY A 142 -8.99 -20.94 12.41
CA GLY A 142 -8.49 -19.68 12.91
C GLY A 142 -7.35 -19.06 12.13
N GLY A 143 -6.83 -19.70 11.06
CA GLY A 143 -5.68 -19.17 10.35
C GLY A 143 -6.05 -18.10 9.32
N HIS A 144 -5.02 -17.46 8.78
CA HIS A 144 -5.25 -16.39 7.80
C HIS A 144 -5.16 -16.93 6.38
N LEU A 145 -5.75 -16.19 5.44
CA LEU A 145 -5.74 -16.65 4.06
C LEU A 145 -4.33 -16.67 3.47
N THR A 146 -3.41 -15.87 4.01
CA THR A 146 -2.03 -15.91 3.53
C THR A 146 -1.22 -17.04 4.18
N HIS A 147 -1.88 -17.92 4.94
CA HIS A 147 -1.23 -19.09 5.51
C HIS A 147 -1.52 -20.35 4.73
N GLY A 148 -2.10 -20.23 3.52
CA GLY A 148 -2.23 -21.36 2.63
C GLY A 148 -3.54 -21.50 1.87
N MET A 149 -4.40 -20.48 1.94
CA MET A 149 -5.70 -20.57 1.29
C MET A 149 -5.55 -20.72 -0.23
N ARG A 150 -6.43 -21.55 -0.80
CA ARG A 150 -6.26 -22.05 -2.17
C ARG A 150 -6.16 -20.92 -3.20
N LEU A 151 -6.87 -19.82 -3.00
CA LEU A 151 -6.92 -18.74 -3.98
C LEU A 151 -5.87 -17.66 -3.72
N ASN A 152 -5.21 -17.68 -2.58
CA ASN A 152 -4.17 -16.72 -2.26
C ASN A 152 -2.83 -17.21 -2.79
N PHE A 153 -1.87 -16.27 -2.92
CA PHE A 153 -0.53 -16.66 -3.36
C PHE A 153 0.04 -17.80 -2.52
N SER A 154 -0.29 -17.84 -1.23
CA SER A 154 0.26 -18.86 -0.35
C SER A 154 -0.28 -20.25 -0.69
N GLY A 155 -1.44 -20.32 -1.32
CA GLY A 155 -1.97 -21.61 -1.76
C GLY A 155 -1.70 -21.87 -3.22
N LYS A 156 -1.59 -20.82 -4.03
CA LYS A 156 -1.35 -21.00 -5.46
C LYS A 156 0.10 -21.34 -5.76
N LEU A 157 1.04 -20.80 -5.00
CA LEU A 157 2.46 -20.99 -5.28
C LEU A 157 3.06 -22.18 -4.56
N TYR A 158 2.49 -22.62 -3.45
CA TYR A 158 3.14 -23.57 -2.56
C TYR A 158 2.24 -24.77 -2.33
N GLU A 159 2.85 -25.88 -1.92
CA GLU A 159 2.10 -27.05 -1.53
C GLU A 159 1.72 -26.92 -0.06
N ASN A 160 0.43 -26.91 0.24
CA ASN A 160 -0.04 -26.51 1.55
C ASN A 160 -0.42 -27.70 2.40
N GLY A 161 0.00 -27.65 3.67
CA GLY A 161 -0.50 -28.53 4.70
C GLY A 161 -1.08 -27.66 5.80
N PHE A 162 -1.98 -28.22 6.61
CA PHE A 162 -2.61 -27.44 7.65
C PHE A 162 -2.68 -28.23 8.95
N TYR A 163 -2.55 -27.50 10.05
CA TYR A 163 -2.95 -28.01 11.35
C TYR A 163 -4.18 -27.25 11.82
N GLY A 164 -4.85 -27.81 12.82
CA GLY A 164 -6.07 -27.20 13.31
C GLY A 164 -6.11 -27.13 14.81
N VAL A 165 -7.31 -27.03 15.38
CA VAL A 165 -7.48 -27.04 16.83
C VAL A 165 -8.13 -28.35 17.23
N ASP A 166 -7.90 -28.74 18.48
CA ASP A 166 -8.50 -29.96 19.00
C ASP A 166 -10.01 -29.80 19.04
N PRO A 167 -10.78 -30.77 18.57
CA PRO A 167 -12.24 -30.57 18.49
C PRO A 167 -12.90 -30.42 19.86
N ALA A 168 -12.32 -31.00 20.90
CA ALA A 168 -12.94 -30.93 22.22
C ALA A 168 -12.64 -29.61 22.92
N THR A 169 -11.37 -29.20 22.94
CA THR A 169 -10.94 -28.00 23.64
C THR A 169 -10.86 -26.77 22.77
N HIS A 170 -10.75 -26.95 21.45
CA HIS A 170 -10.50 -25.87 20.50
C HIS A 170 -9.17 -25.17 20.77
N LEU A 171 -8.24 -25.90 21.38
CA LEU A 171 -6.87 -25.47 21.54
C LEU A 171 -6.00 -26.14 20.49
N ILE A 172 -4.96 -25.43 20.04
CA ILE A 172 -3.96 -26.05 19.18
C ILE A 172 -3.19 -27.07 19.99
N ASP A 173 -3.18 -28.32 19.53
CA ASP A 173 -2.49 -29.42 20.19
C ASP A 173 -1.12 -29.57 19.55
N MET A 174 -0.07 -29.21 20.29
CA MET A 174 1.26 -29.19 19.68
C MET A 174 1.78 -30.58 19.39
N ASP A 175 1.27 -31.61 20.08
CA ASP A 175 1.59 -32.99 19.68
C ASP A 175 1.01 -33.28 18.30
N ALA A 176 -0.19 -32.76 18.02
CA ALA A 176 -0.79 -32.96 16.71
C ALA A 176 -0.08 -32.15 15.65
N VAL A 177 0.34 -30.91 16.00
CA VAL A 177 1.13 -30.12 15.06
C VAL A 177 2.44 -30.84 14.73
N ARG A 178 3.08 -31.41 15.75
CA ARG A 178 4.34 -32.12 15.53
C ARG A 178 4.14 -33.33 14.62
N ALA A 179 3.09 -34.12 14.89
CA ALA A 179 2.79 -35.27 14.04
C ALA A 179 2.55 -34.84 12.59
N THR A 180 1.83 -33.72 12.40
CA THR A 180 1.60 -33.24 11.04
C THR A 180 2.91 -32.79 10.39
N ALA A 181 3.77 -32.10 11.13
CA ALA A 181 5.03 -31.64 10.55
C ALA A 181 5.94 -32.80 10.21
N LEU A 182 5.95 -33.84 11.04
CA LEU A 182 6.77 -35.01 10.75
C LEU A 182 6.29 -35.74 9.50
N GLU A 183 4.98 -35.74 9.24
CA GLU A 183 4.46 -36.42 8.06
C GLU A 183 4.55 -35.55 6.82
N PHE A 184 4.38 -34.24 6.97
CA PHE A 184 4.29 -33.32 5.83
C PHE A 184 5.65 -32.77 5.42
N ARG A 185 6.60 -32.68 6.34
CA ARG A 185 7.93 -32.16 6.09
C ARG A 185 7.92 -30.77 5.42
N PRO A 186 7.36 -29.76 6.08
CA PRO A 186 7.27 -28.43 5.47
C PRO A 186 8.62 -27.74 5.37
N LYS A 187 8.74 -26.88 4.37
CA LYS A 187 9.88 -25.97 4.27
C LYS A 187 9.74 -24.81 5.25
N VAL A 188 8.51 -24.32 5.45
CA VAL A 188 8.23 -23.22 6.36
C VAL A 188 7.01 -23.60 7.18
N ILE A 189 7.07 -23.37 8.49
CA ILE A 189 5.91 -23.49 9.37
C ILE A 189 5.49 -22.09 9.77
N ILE A 190 4.20 -21.79 9.61
CA ILE A 190 3.64 -20.53 10.09
C ILE A 190 2.92 -20.78 11.40
N ALA A 191 3.29 -20.03 12.43
CA ALA A 191 2.52 -19.91 13.66
C ALA A 191 1.89 -18.54 13.66
N GLY A 192 0.59 -18.49 13.88
CA GLY A 192 -0.13 -17.23 13.78
C GLY A 192 -1.58 -17.47 13.43
N TRP A 193 -2.36 -16.41 13.52
CA TRP A 193 -3.81 -16.60 13.48
C TRP A 193 -4.51 -15.27 13.29
N SER A 194 -5.79 -15.35 12.93
N SER A 194 -5.72 -15.34 12.76
CA SER A 194 -6.66 -14.18 12.87
CA SER A 194 -6.61 -14.19 12.75
C SER A 194 -7.83 -14.22 13.85
C SER A 194 -7.80 -14.38 13.68
N ALA A 195 -8.15 -15.38 14.46
N ALA A 195 -8.10 -15.63 14.08
CA ALA A 195 -9.31 -15.44 15.34
CA ALA A 195 -9.23 -15.87 14.97
C ALA A 195 -9.19 -16.46 16.46
C ALA A 195 -8.88 -17.11 15.82
N TYR A 196 -8.00 -16.90 16.79
CA TYR A 196 -7.71 -17.89 17.83
C TYR A 196 -7.65 -17.18 19.18
N PRO A 197 -8.35 -17.67 20.21
CA PRO A 197 -8.47 -16.89 21.45
C PRO A 197 -7.46 -17.21 22.55
N ARG A 198 -6.37 -17.91 22.23
CA ARG A 198 -5.44 -18.34 23.25
C ARG A 198 -4.00 -18.04 22.83
N VAL A 199 -3.07 -18.32 23.74
CA VAL A 199 -1.66 -17.98 23.54
C VAL A 199 -0.93 -19.13 22.86
N LEU A 200 -0.23 -18.83 21.77
CA LEU A 200 0.56 -19.82 21.06
C LEU A 200 1.78 -20.23 21.87
N ASP A 201 2.19 -21.48 21.70
CA ASP A 201 3.38 -22.04 22.37
C ASP A 201 4.54 -21.93 21.39
N PHE A 202 5.23 -20.79 21.43
CA PHE A 202 6.30 -20.55 20.45
C PHE A 202 7.48 -21.47 20.66
N ALA A 203 7.80 -21.83 21.92
CA ALA A 203 8.87 -22.77 22.18
C ALA A 203 8.59 -24.10 21.49
N ALA A 204 7.33 -24.57 21.53
CA ALA A 204 6.99 -25.84 20.89
C ALA A 204 7.08 -25.73 19.37
N PHE A 205 6.63 -24.62 18.79
CA PHE A 205 6.77 -24.42 17.35
C PHE A 205 8.23 -24.45 16.94
N ARG A 206 9.12 -23.81 17.72
CA ARG A 206 10.53 -23.83 17.39
C ARG A 206 11.10 -25.24 17.49
N SER A 207 10.75 -25.97 18.55
CA SER A 207 11.21 -27.35 18.68
CA SER A 207 11.22 -27.35 18.67
C SER A 207 10.79 -28.18 17.47
N ILE A 208 9.55 -28.00 17.01
CA ILE A 208 9.05 -28.75 15.87
C ILE A 208 9.77 -28.34 14.59
N ALA A 209 9.91 -27.04 14.36
CA ALA A 209 10.62 -26.56 13.18
C ALA A 209 12.05 -27.11 13.14
N ASP A 210 12.74 -27.10 14.28
CA ASP A 210 14.10 -27.64 14.30
C ASP A 210 14.12 -29.13 13.99
N GLU A 211 13.13 -29.86 14.50
CA GLU A 211 13.10 -31.31 14.33
C GLU A 211 12.98 -31.70 12.86
N VAL A 212 12.19 -30.94 12.09
CA VAL A 212 11.95 -31.25 10.68
C VAL A 212 12.77 -30.37 9.74
N GLY A 213 13.61 -29.48 10.27
CA GLY A 213 14.42 -28.66 9.40
C GLY A 213 13.66 -27.56 8.69
N ALA A 214 12.60 -27.05 9.30
CA ALA A 214 11.80 -26.00 8.71
C ALA A 214 12.20 -24.64 9.26
N LYS A 215 11.93 -23.60 8.48
CA LYS A 215 11.94 -22.24 8.98
C LYS A 215 10.64 -21.98 9.75
N LEU A 216 10.72 -21.12 10.75
CA LEU A 216 9.56 -20.73 11.54
C LEU A 216 9.25 -19.26 11.29
N LEU A 217 8.11 -19.01 10.66
CA LEU A 217 7.54 -17.67 10.54
C LEU A 217 6.43 -17.54 11.58
N VAL A 218 6.49 -16.50 12.40
CA VAL A 218 5.36 -16.15 13.24
C VAL A 218 4.70 -14.91 12.65
N ASP A 219 3.40 -15.01 12.38
CA ASP A 219 2.61 -13.88 11.93
C ASP A 219 1.87 -13.35 13.15
N MET A 220 2.42 -12.29 13.74
CA MET A 220 1.87 -11.75 14.97
C MET A 220 0.93 -10.57 14.74
N ALA A 221 0.42 -10.42 13.50
CA ALA A 221 -0.48 -9.32 13.17
C ALA A 221 -1.44 -8.95 14.29
N HIS A 222 -2.20 -9.93 14.80
CA HIS A 222 -3.26 -9.60 15.75
C HIS A 222 -2.71 -9.21 17.11
N PHE A 223 -1.65 -9.86 17.58
CA PHE A 223 -1.23 -9.69 18.96
C PHE A 223 0.06 -8.88 19.11
N ALA A 224 0.51 -8.20 18.04
CA ALA A 224 1.75 -7.43 18.10
C ALA A 224 1.72 -6.36 19.19
N GLY A 225 0.56 -5.74 19.39
CA GLY A 225 0.47 -4.72 20.43
C GLY A 225 0.50 -5.32 21.82
N LEU A 226 -0.10 -6.49 21.98
CA LEU A 226 0.01 -7.20 23.25
C LEU A 226 1.46 -7.57 23.54
N VAL A 227 2.20 -7.99 22.51
CA VAL A 227 3.62 -8.30 22.69
C VAL A 227 4.40 -7.06 23.10
N ALA A 228 4.17 -5.95 22.40
CA ALA A 228 4.89 -4.71 22.69
C ALA A 228 4.69 -4.29 24.14
N ALA A 229 3.52 -4.53 24.70
CA ALA A 229 3.20 -4.15 26.07
C ALA A 229 3.60 -5.20 27.10
N GLY A 230 4.17 -6.33 26.67
CA GLY A 230 4.55 -7.38 27.61
C GLY A 230 3.40 -8.22 28.11
N LEU A 231 2.29 -8.29 27.38
CA LEU A 231 1.09 -8.98 27.83
C LEU A 231 0.80 -10.23 27.00
N HIS A 232 1.70 -10.60 26.10
CA HIS A 232 1.62 -11.80 25.29
C HIS A 232 3.07 -12.21 25.10
N PRO A 233 3.41 -13.49 25.24
CA PRO A 233 4.79 -13.91 25.00
C PRO A 233 5.26 -13.48 23.62
N SER A 234 6.52 -13.05 23.54
CA SER A 234 7.02 -12.60 22.25
C SER A 234 7.43 -13.79 21.39
N PRO A 235 7.11 -13.74 20.09
CA PRO A 235 7.64 -14.75 19.17
C PRO A 235 9.05 -14.45 18.71
N VAL A 236 9.53 -13.22 18.92
CA VAL A 236 10.83 -12.83 18.36
C VAL A 236 11.98 -13.71 18.83
N PRO A 237 12.04 -14.17 20.09
CA PRO A 237 13.14 -15.08 20.48
C PRO A 237 13.18 -16.38 19.70
N HIS A 238 12.01 -16.92 19.32
CA HIS A 238 11.89 -18.25 18.74
C HIS A 238 11.86 -18.26 17.22
N ALA A 239 11.30 -17.22 16.61
CA ALA A 239 11.03 -17.25 15.18
C ALA A 239 12.26 -16.89 14.37
N ASP A 240 12.36 -17.48 13.18
CA ASP A 240 13.34 -17.01 12.21
C ASP A 240 12.97 -15.62 11.72
N VAL A 241 11.70 -15.42 11.39
CA VAL A 241 11.18 -14.16 10.89
C VAL A 241 9.80 -13.98 11.49
N VAL A 242 9.45 -12.72 11.76
CA VAL A 242 8.14 -12.36 12.31
C VAL A 242 7.52 -11.31 11.39
N SER A 243 6.30 -11.57 10.92
CA SER A 243 5.57 -10.61 10.14
C SER A 243 4.45 -10.03 10.99
N THR A 244 4.00 -8.82 10.62
CA THR A 244 2.88 -8.26 11.34
C THR A 244 2.22 -7.16 10.51
N THR A 245 0.94 -6.94 10.80
CA THR A 245 0.31 -5.68 10.47
C THR A 245 0.64 -4.66 11.55
N VAL A 246 0.63 -3.38 11.15
CA VAL A 246 0.86 -2.32 12.13
C VAL A 246 -0.45 -1.83 12.73
N HIS A 247 -1.59 -2.23 12.17
CA HIS A 247 -2.85 -1.54 12.42
C HIS A 247 -3.84 -2.30 13.32
N LYS A 248 -3.47 -3.45 13.89
CA LYS A 248 -4.39 -4.12 14.80
CA LYS A 248 -4.37 -4.14 14.80
C LYS A 248 -4.09 -3.70 16.23
N THR A 249 -3.69 -4.63 17.12
CA THR A 249 -3.43 -4.19 18.49
C THR A 249 -2.25 -3.23 18.58
N LEU A 250 -1.35 -3.24 17.59
CA LEU A 250 -0.26 -2.25 17.61
C LEU A 250 -0.76 -0.83 17.40
N GLY A 251 -1.96 -0.65 16.83
CA GLY A 251 -2.63 0.62 16.88
C GLY A 251 -2.16 1.67 15.88
N GLY A 252 -1.44 1.29 14.84
CA GLY A 252 -0.90 2.23 13.89
C GLY A 252 -1.64 2.26 12.57
N GLY A 253 -1.00 2.92 11.60
CA GLY A 253 -1.58 3.04 10.28
C GLY A 253 -1.51 1.76 9.49
N ARG A 254 -2.39 1.67 8.49
CA ARG A 254 -2.65 0.41 7.79
C ARG A 254 -1.46 0.06 6.91
N SER A 255 -0.78 -1.03 7.27
CA SER A 255 0.53 -1.32 6.69
C SER A 255 1.10 -2.58 7.31
N GLY A 256 2.25 -3.02 6.81
CA GLY A 256 2.93 -4.19 7.32
C GLY A 256 4.34 -3.89 7.80
N LEU A 257 4.94 -4.90 8.41
CA LEU A 257 6.26 -4.79 9.03
C LEU A 257 6.84 -6.19 9.15
N ILE A 258 8.14 -6.33 8.94
CA ILE A 258 8.84 -7.59 9.18
C ILE A 258 10.01 -7.34 10.13
N VAL A 259 10.19 -8.22 11.11
CA VAL A 259 11.39 -8.25 11.93
C VAL A 259 11.89 -9.69 12.00
N GLY A 260 13.15 -9.86 12.40
CA GLY A 260 13.63 -11.21 12.56
C GLY A 260 15.12 -11.28 12.81
N LYS A 261 15.64 -12.49 12.67
CA LYS A 261 17.03 -12.78 12.96
C LYS A 261 17.93 -12.25 11.85
N GLN A 262 19.14 -11.82 12.23
CA GLN A 262 19.99 -11.07 11.31
C GLN A 262 20.38 -11.88 10.08
N GLN A 263 20.50 -13.20 10.20
CA GLN A 263 20.89 -13.99 9.05
C GLN A 263 19.87 -13.95 7.91
N TYR A 264 18.65 -13.47 8.16
CA TYR A 264 17.65 -13.37 7.12
C TYR A 264 17.48 -11.95 6.57
N ALA A 265 18.26 -10.99 7.07
CA ALA A 265 18.04 -9.59 6.69
C ALA A 265 18.19 -9.39 5.20
N LYS A 266 19.27 -9.91 4.61
CA LYS A 266 19.51 -9.71 3.19
C LYS A 266 18.40 -10.32 2.35
N ALA A 267 18.03 -11.58 2.64
CA ALA A 267 16.99 -12.24 1.88
C ALA A 267 15.65 -11.52 2.01
N ILE A 268 15.33 -11.05 3.22
CA ILE A 268 14.04 -10.39 3.43
C ILE A 268 14.03 -9.02 2.75
N ASN A 269 15.10 -8.24 2.93
CA ASN A 269 15.15 -6.93 2.27
C ASN A 269 14.99 -7.08 0.77
N SER A 270 15.71 -8.02 0.16
CA SER A 270 15.61 -8.23 -1.28
CA SER A 270 15.61 -8.23 -1.28
C SER A 270 14.22 -8.74 -1.67
N ALA A 271 13.59 -9.55 -0.82
CA ALA A 271 12.26 -10.04 -1.12
C ALA A 271 11.23 -8.92 -1.09
N VAL A 272 11.39 -7.94 -0.20
CA VAL A 272 10.48 -6.80 -0.20
C VAL A 272 10.70 -5.94 -1.45
N PHE A 273 11.96 -5.57 -1.71
CA PHE A 273 12.31 -4.83 -2.92
C PHE A 273 13.65 -5.34 -3.41
N PRO A 274 13.76 -5.78 -4.67
CA PRO A 274 12.77 -5.70 -5.74
C PRO A 274 11.88 -6.93 -5.87
N GLY A 275 11.88 -7.81 -4.86
CA GLY A 275 11.15 -9.06 -4.98
C GLY A 275 9.64 -8.86 -5.18
N GLN A 276 9.01 -8.12 -4.29
CA GLN A 276 7.56 -8.01 -4.27
C GLN A 276 7.05 -6.62 -4.61
N GLN A 277 7.72 -5.58 -4.12
CA GLN A 277 7.23 -4.21 -4.18
C GLN A 277 8.13 -3.34 -5.04
N GLY A 278 7.63 -2.14 -5.30
CA GLY A 278 8.40 -1.08 -5.92
C GLY A 278 8.68 0.01 -4.91
N GLY A 279 8.22 1.23 -5.17
CA GLY A 279 8.43 2.31 -4.24
C GLY A 279 7.63 2.12 -2.96
N PRO A 280 8.26 2.35 -1.81
CA PRO A 280 7.54 2.27 -0.53
C PRO A 280 6.72 3.53 -0.28
N LEU A 281 5.78 3.41 0.66
CA LEU A 281 4.90 4.53 1.00
C LEU A 281 5.56 5.29 2.15
N MET A 282 6.35 6.31 1.84
CA MET A 282 7.17 6.95 2.89
C MET A 282 6.33 7.69 3.90
N HIS A 283 5.19 8.25 3.48
CA HIS A 283 4.28 8.87 4.44
C HIS A 283 3.74 7.85 5.43
N VAL A 284 3.45 6.63 4.95
CA VAL A 284 2.97 5.60 5.85
C VAL A 284 4.10 5.11 6.75
N ILE A 285 5.32 5.03 6.23
CA ILE A 285 6.46 4.64 7.06
C ILE A 285 6.71 5.67 8.15
N ALA A 286 6.56 6.97 7.85
CA ALA A 286 6.65 7.98 8.91
C ALA A 286 5.64 7.69 10.01
N GLY A 287 4.41 7.31 9.63
CA GLY A 287 3.43 6.94 10.63
C GLY A 287 3.80 5.69 11.41
N LYS A 288 4.50 4.75 10.76
CA LYS A 288 4.96 3.57 11.51
C LYS A 288 5.93 3.96 12.60
N ALA A 289 6.86 4.88 12.30
CA ALA A 289 7.78 5.35 13.32
C ALA A 289 7.02 5.93 14.51
N VAL A 290 5.97 6.71 14.22
CA VAL A 290 5.18 7.32 15.29
C VAL A 290 4.50 6.24 16.12
N ALA A 291 3.87 5.26 15.45
CA ALA A 291 3.13 4.23 16.17
C ALA A 291 4.05 3.39 17.03
N LEU A 292 5.27 3.12 16.54
CA LEU A 292 6.22 2.32 17.32
C LEU A 292 6.68 3.07 18.57
N LYS A 293 6.87 4.39 18.46
CA LYS A 293 7.21 5.19 19.64
CA LYS A 293 7.21 5.20 19.63
C LYS A 293 6.07 5.19 20.66
N ILE A 294 4.83 5.34 20.18
CA ILE A 294 3.68 5.30 21.09
C ILE A 294 3.58 3.95 21.77
N ALA A 295 3.92 2.89 21.04
CA ALA A 295 3.75 1.54 21.57
C ALA A 295 4.69 1.23 22.73
N ALA A 296 5.70 2.06 22.97
CA ALA A 296 6.58 1.89 24.12
C ALA A 296 6.13 2.64 25.36
N THR A 297 4.98 3.37 25.30
CA THR A 297 4.60 4.24 26.40
C THR A 297 3.74 3.53 27.43
N PRO A 298 3.74 4.00 28.68
CA PRO A 298 2.80 3.45 29.68
C PRO A 298 1.34 3.60 29.28
N GLU A 299 0.98 4.70 28.60
CA GLU A 299 -0.39 4.87 28.17
C GLU A 299 -0.80 3.73 27.24
N PHE A 300 0.10 3.33 26.34
CA PHE A 300 -0.19 2.23 25.43
C PHE A 300 -0.32 0.92 26.19
N ALA A 301 0.58 0.67 27.15
CA ALA A 301 0.51 -0.58 27.91
C ALA A 301 -0.80 -0.66 28.68
N ASP A 302 -1.26 0.45 29.26
CA ASP A 302 -2.53 0.43 29.97
C ASP A 302 -3.68 0.14 29.02
N ARG A 303 -3.61 0.69 27.81
CA ARG A 303 -4.61 0.41 26.79
C ARG A 303 -4.65 -1.08 26.45
N GLN A 304 -3.48 -1.72 26.38
CA GLN A 304 -3.45 -3.16 26.11
C GLN A 304 -3.97 -3.94 27.30
N ARG A 305 -3.70 -3.47 28.53
CA ARG A 305 -4.25 -4.10 29.71
C ARG A 305 -5.77 -4.05 29.71
N ARG A 306 -6.34 -2.89 29.38
CA ARG A 306 -7.79 -2.77 29.33
C ARG A 306 -8.39 -3.59 28.20
N THR A 307 -7.65 -3.72 27.09
CA THR A 307 -8.07 -4.59 26.00
C THR A 307 -8.27 -6.02 26.48
N LEU A 308 -7.28 -6.55 27.22
CA LEU A 308 -7.35 -7.94 27.66
C LEU A 308 -8.42 -8.15 28.72
N SER A 309 -8.47 -7.26 29.73
CA SER A 309 -9.49 -7.40 30.75
CA SER A 309 -9.50 -7.38 30.75
C SER A 309 -10.89 -7.27 30.16
N GLY A 310 -11.08 -6.35 29.20
CA GLY A 310 -12.39 -6.21 28.57
C GLY A 310 -12.80 -7.46 27.81
N ALA A 311 -11.87 -8.07 27.07
CA ALA A 311 -12.20 -9.29 26.34
C ALA A 311 -12.59 -10.40 27.29
N ARG A 312 -11.88 -10.52 28.43
CA ARG A 312 -12.22 -11.55 29.40
C ARG A 312 -13.59 -11.31 30.02
N ILE A 313 -13.93 -10.05 30.28
CA ILE A 313 -15.26 -9.72 30.82
C ILE A 313 -16.34 -10.14 29.83
N ILE A 314 -16.14 -9.88 28.55
CA ILE A 314 -17.14 -10.27 27.56
C ILE A 314 -17.24 -11.79 27.48
N ALA A 315 -16.10 -12.49 27.43
CA ALA A 315 -16.14 -13.95 27.38
C ALA A 315 -16.87 -14.53 28.59
N ASP A 316 -16.61 -13.98 29.78
CA ASP A 316 -17.27 -14.48 30.99
CA ASP A 316 -17.28 -14.47 30.99
C ASP A 316 -18.78 -14.28 30.90
N ARG A 317 -19.22 -13.09 30.47
CA ARG A 317 -20.64 -12.80 30.39
C ARG A 317 -21.34 -13.72 29.40
N LEU A 318 -20.69 -14.00 28.26
CA LEU A 318 -21.31 -14.85 27.25
C LEU A 318 -21.30 -16.32 27.62
N MET A 319 -20.64 -16.70 28.72
CA MET A 319 -20.72 -18.06 29.22
C MET A 319 -21.75 -18.20 30.33
N ALA A 320 -22.59 -17.20 30.54
CA ALA A 320 -23.64 -17.27 31.52
C ALA A 320 -24.76 -18.21 31.04
N PRO A 321 -25.56 -18.74 31.97
CA PRO A 321 -26.60 -19.69 31.57
C PRO A 321 -27.61 -19.13 30.58
N ASP A 322 -27.93 -17.84 30.64
CA ASP A 322 -28.93 -17.29 29.72
C ASP A 322 -28.44 -17.32 28.29
N VAL A 323 -27.15 -17.10 28.08
CA VAL A 323 -26.58 -17.18 26.74
C VAL A 323 -26.42 -18.63 26.31
N ALA A 324 -25.90 -19.48 27.20
CA ALA A 324 -25.73 -20.89 26.88
C ALA A 324 -27.07 -21.55 26.53
N LYS A 325 -28.13 -21.17 27.22
CA LYS A 325 -29.45 -21.74 26.95
C LYS A 325 -29.96 -21.38 25.57
N ALA A 326 -29.43 -20.32 24.97
CA ALA A 326 -29.83 -19.86 23.65
C ALA A 326 -29.00 -20.50 22.54
N GLY A 327 -28.17 -21.49 22.86
CA GLY A 327 -27.38 -22.16 21.86
C GLY A 327 -26.13 -21.42 21.45
N VAL A 328 -25.68 -20.48 22.27
CA VAL A 328 -24.52 -19.64 21.98
C VAL A 328 -23.41 -20.04 22.95
N SER A 329 -22.20 -20.25 22.42
CA SER A 329 -21.10 -20.65 23.27
C SER A 329 -19.85 -19.87 22.89
N VAL A 330 -18.88 -19.88 23.81
CA VAL A 330 -17.61 -19.19 23.63
C VAL A 330 -16.55 -20.23 23.27
N VAL A 331 -15.91 -20.03 22.12
CA VAL A 331 -14.89 -20.98 21.67
C VAL A 331 -13.73 -21.01 22.65
N SER A 332 -13.33 -22.22 23.03
CA SER A 332 -12.30 -22.55 24.01
C SER A 332 -12.71 -22.22 25.44
N GLY A 333 -13.95 -21.79 25.66
CA GLY A 333 -14.40 -21.48 27.01
C GLY A 333 -13.75 -20.27 27.64
N GLY A 334 -13.30 -19.31 26.84
CA GLY A 334 -12.73 -18.08 27.35
C GLY A 334 -11.74 -17.51 26.35
N THR A 335 -10.90 -16.60 26.85
CA THR A 335 -9.91 -15.94 25.99
C THR A 335 -8.74 -15.49 26.84
N ASP A 336 -7.58 -15.41 26.20
CA ASP A 336 -6.40 -14.81 26.80
C ASP A 336 -5.86 -13.67 25.94
N VAL A 337 -6.61 -13.27 24.93
CA VAL A 337 -6.16 -12.24 24.01
C VAL A 337 -7.25 -11.18 23.87
N HIS A 338 -7.21 -10.42 22.78
CA HIS A 338 -8.01 -9.22 22.60
C HIS A 338 -9.37 -9.49 21.97
N LEU A 339 -9.74 -10.75 21.81
CA LEU A 339 -10.97 -11.07 21.11
C LEU A 339 -11.70 -12.19 21.82
N VAL A 340 -12.98 -12.32 21.50
CA VAL A 340 -13.82 -13.43 21.89
C VAL A 340 -14.38 -14.04 20.61
N LEU A 341 -14.26 -15.36 20.47
CA LEU A 341 -14.84 -16.07 19.35
CA LEU A 341 -14.84 -16.10 19.35
C LEU A 341 -16.12 -16.75 19.82
N VAL A 342 -17.24 -16.41 19.18
CA VAL A 342 -18.55 -16.91 19.56
C VAL A 342 -18.97 -17.98 18.57
N ASP A 343 -19.40 -19.13 19.09
CA ASP A 343 -19.88 -20.25 18.28
C ASP A 343 -21.40 -20.22 18.26
N LEU A 344 -21.98 -20.16 17.05
CA LEU A 344 -23.43 -20.08 16.88
C LEU A 344 -24.02 -21.30 16.20
N ARG A 345 -23.28 -22.43 16.20
CA ARG A 345 -23.77 -23.61 15.50
C ARG A 345 -25.05 -24.16 16.12
N ASP A 346 -25.25 -23.98 17.41
CA ASP A 346 -26.46 -24.46 18.08
C ASP A 346 -27.48 -23.34 18.30
N SER A 347 -27.28 -22.19 17.70
CA SER A 347 -28.15 -21.04 17.83
C SER A 347 -29.00 -20.87 16.58
N PRO A 348 -30.23 -20.36 16.71
CA PRO A 348 -31.00 -19.99 15.51
C PRO A 348 -30.34 -18.89 14.69
N LEU A 349 -29.49 -18.07 15.31
CA LEU A 349 -28.73 -17.05 14.60
C LEU A 349 -27.56 -17.70 13.87
N ASP A 350 -27.36 -17.33 12.60
CA ASP A 350 -26.09 -17.61 11.95
C ASP A 350 -25.20 -16.37 12.08
N GLY A 351 -23.98 -16.48 11.56
CA GLY A 351 -23.02 -15.40 11.76
C GLY A 351 -23.47 -14.08 11.16
N GLN A 352 -24.02 -14.13 9.95
CA GLN A 352 -24.50 -12.90 9.32
C GLN A 352 -25.66 -12.30 10.08
N ALA A 353 -26.61 -13.13 10.52
CA ALA A 353 -27.76 -12.62 11.27
C ALA A 353 -27.31 -11.96 12.56
N ALA A 354 -26.36 -12.57 13.27
CA ALA A 354 -25.88 -11.98 14.51
C ALA A 354 -25.11 -10.69 14.25
N GLU A 355 -24.29 -10.66 13.19
CA GLU A 355 -23.59 -9.43 12.83
C GLU A 355 -24.57 -8.31 12.54
N ASP A 356 -25.65 -8.61 11.79
CA ASP A 356 -26.64 -7.59 11.46
C ASP A 356 -27.41 -7.15 12.70
N LEU A 357 -27.77 -8.10 13.58
CA LEU A 357 -28.49 -7.75 14.80
C LEU A 357 -27.65 -6.84 15.70
N LEU A 358 -26.37 -7.18 15.88
CA LEU A 358 -25.51 -6.31 16.68
C LEU A 358 -25.37 -4.93 16.02
N HIS A 359 -25.27 -4.90 14.69
CA HIS A 359 -25.22 -3.62 14.00
C HIS A 359 -26.42 -2.76 14.33
N GLU A 360 -27.60 -3.38 14.41
CA GLU A 360 -28.82 -2.60 14.67
C GLU A 360 -28.83 -2.06 16.09
N VAL A 361 -28.14 -2.69 17.03
CA VAL A 361 -28.07 -2.18 18.39
C VAL A 361 -26.82 -1.33 18.61
N GLY A 362 -26.09 -1.00 17.54
CA GLY A 362 -25.01 -0.07 17.62
C GLY A 362 -23.64 -0.67 17.87
N ILE A 363 -23.44 -1.95 17.56
CA ILE A 363 -22.16 -2.61 17.78
C ILE A 363 -21.71 -3.25 16.46
N THR A 364 -20.49 -2.93 16.04
CA THR A 364 -19.98 -3.37 14.75
C THR A 364 -18.96 -4.49 14.97
N VAL A 365 -19.25 -5.68 14.44
CA VAL A 365 -18.35 -6.82 14.54
C VAL A 365 -18.17 -7.43 13.15
N ASN A 366 -17.60 -8.63 13.07
CA ASN A 366 -17.67 -9.39 11.84
C ASN A 366 -17.99 -10.84 12.16
N ARG A 367 -18.75 -11.48 11.27
CA ARG A 367 -18.93 -12.92 11.36
C ARG A 367 -17.60 -13.62 11.11
N ASN A 368 -17.52 -14.88 11.54
CA ASN A 368 -16.24 -15.59 11.52
C ASN A 368 -16.48 -17.08 11.42
N ALA A 369 -15.66 -17.75 10.62
CA ALA A 369 -15.81 -19.18 10.41
C ALA A 369 -15.45 -19.96 11.66
N VAL A 370 -16.01 -21.16 11.76
CA VAL A 370 -15.73 -22.08 12.85
C VAL A 370 -15.45 -23.46 12.25
N PRO A 371 -14.82 -24.36 13.01
CA PRO A 371 -14.51 -25.69 12.45
C PRO A 371 -15.78 -26.46 12.09
N ASN A 372 -15.72 -27.13 10.94
CA ASN A 372 -16.83 -27.92 10.39
C ASN A 372 -18.12 -27.10 10.41
N ASP A 373 -18.06 -25.95 9.75
CA ASP A 373 -19.15 -25.00 9.81
C ASP A 373 -20.37 -25.55 9.08
N PRO A 374 -21.53 -25.67 9.75
CA PRO A 374 -22.73 -26.15 9.06
C PRO A 374 -23.36 -25.13 8.13
N ARG A 375 -22.90 -23.88 8.15
CA ARG A 375 -23.45 -22.83 7.32
C ARG A 375 -22.50 -22.48 6.18
N PRO A 376 -23.01 -21.87 5.11
CA PRO A 376 -22.15 -21.49 3.97
C PRO A 376 -21.00 -20.59 4.42
N PRO A 377 -19.91 -20.55 3.66
CA PRO A 377 -18.71 -19.85 4.15
C PRO A 377 -18.87 -18.35 4.22
N MET A 378 -19.69 -17.74 3.36
CA MET A 378 -19.94 -16.30 3.45
C MET A 378 -20.87 -15.94 4.60
N VAL A 379 -21.50 -16.93 5.22
CA VAL A 379 -22.43 -16.72 6.32
C VAL A 379 -21.79 -17.04 7.65
N THR A 380 -21.15 -18.21 7.75
CA THR A 380 -20.49 -18.73 8.95
C THR A 380 -21.45 -19.03 10.09
N SER A 381 -20.96 -19.76 11.09
CA SER A 381 -21.66 -20.03 12.34
C SER A 381 -20.91 -19.42 13.51
N GLY A 382 -20.34 -18.24 13.30
CA GLY A 382 -19.53 -17.65 14.36
C GLY A 382 -19.48 -16.14 14.28
N LEU A 383 -19.03 -15.56 15.38
CA LEU A 383 -18.81 -14.13 15.51
CA LEU A 383 -18.83 -14.13 15.51
C LEU A 383 -17.46 -13.89 16.15
N ARG A 384 -16.75 -12.88 15.68
CA ARG A 384 -15.50 -12.46 16.31
C ARG A 384 -15.74 -11.08 16.88
N ILE A 385 -15.51 -10.94 18.19
CA ILE A 385 -15.72 -9.70 18.92
C ILE A 385 -14.40 -9.27 19.52
N GLY A 386 -13.97 -8.04 19.24
CA GLY A 386 -12.69 -7.57 19.71
C GLY A 386 -12.81 -6.26 20.46
N THR A 387 -11.91 -6.08 21.42
CA THR A 387 -11.90 -4.91 22.30
C THR A 387 -10.83 -3.83 22.02
N PRO A 388 -9.83 -4.01 21.13
CA PRO A 388 -8.80 -2.96 21.02
C PRO A 388 -9.33 -1.57 20.72
N ALA A 389 -10.24 -1.43 19.76
CA ALA A 389 -10.68 -0.08 19.37
C ALA A 389 -11.38 0.62 20.53
N LEU A 390 -12.23 -0.10 21.26
CA LEU A 390 -12.94 0.52 22.38
C LEU A 390 -11.99 0.84 23.53
N ALA A 391 -10.98 -0.01 23.75
CA ALA A 391 -9.96 0.31 24.74
C ALA A 391 -9.22 1.59 24.35
N THR A 392 -8.87 1.73 23.07
CA THR A 392 -8.25 2.96 22.61
C THR A 392 -9.16 4.15 22.87
N ARG A 393 -10.47 3.98 22.63
CA ARG A 393 -11.45 5.01 22.89
C ARG A 393 -11.54 5.38 24.37
N GLY A 394 -11.04 4.52 25.25
CA GLY A 394 -10.98 4.81 26.69
C GLY A 394 -11.80 3.90 27.56
N PHE A 395 -12.48 2.89 27.00
CA PHE A 395 -13.32 2.01 27.80
C PHE A 395 -12.48 1.23 28.79
N GLY A 396 -13.00 1.10 30.00
CA GLY A 396 -12.41 0.24 31.01
C GLY A 396 -13.36 -0.85 31.44
N ASP A 397 -13.09 -1.49 32.58
CA ASP A 397 -13.87 -2.65 32.99
C ASP A 397 -15.34 -2.32 33.16
N THR A 398 -15.66 -1.13 33.68
CA THR A 398 -17.06 -0.78 33.88
C THR A 398 -17.79 -0.72 32.54
N GLU A 399 -17.16 -0.12 31.54
CA GLU A 399 -17.78 0.00 30.22
C GLU A 399 -17.88 -1.35 29.52
N PHE A 400 -16.81 -2.16 29.60
CA PHE A 400 -16.87 -3.47 28.96
C PHE A 400 -17.88 -4.40 29.64
N THR A 401 -18.15 -4.20 30.93
CA THR A 401 -19.23 -4.95 31.57
C THR A 401 -20.57 -4.64 30.94
N GLU A 402 -20.82 -3.35 30.66
CA GLU A 402 -22.06 -2.95 29.99
C GLU A 402 -22.10 -3.44 28.56
N VAL A 403 -20.97 -3.32 27.83
CA VAL A 403 -20.90 -3.84 26.46
C VAL A 403 -21.23 -5.32 26.46
N ALA A 404 -20.62 -6.08 27.38
CA ALA A 404 -20.84 -7.51 27.44
C ALA A 404 -22.32 -7.82 27.65
N ASP A 405 -22.98 -7.06 28.51
CA ASP A 405 -24.38 -7.33 28.79
C ASP A 405 -25.27 -7.01 27.60
N ILE A 406 -24.93 -5.96 26.85
CA ILE A 406 -25.67 -5.63 25.63
C ILE A 406 -25.56 -6.77 24.62
N ILE A 407 -24.33 -7.22 24.37
CA ILE A 407 -24.12 -8.31 23.42
C ILE A 407 -24.83 -9.57 23.87
N ALA A 408 -24.71 -9.89 25.16
CA ALA A 408 -25.32 -11.11 25.69
C ALA A 408 -26.83 -11.08 25.52
N THR A 409 -27.45 -9.93 25.78
CA THR A 409 -28.89 -9.82 25.64
C THR A 409 -29.32 -10.01 24.19
N ALA A 410 -28.56 -9.43 23.25
CA ALA A 410 -28.90 -9.56 21.85
C ALA A 410 -28.74 -11.01 21.38
N LEU A 411 -27.63 -11.65 21.74
CA LEU A 411 -27.38 -13.00 21.27
C LEU A 411 -28.30 -14.03 21.93
N ALA A 412 -28.70 -13.79 23.19
CA ALA A 412 -29.57 -14.72 23.88
C ALA A 412 -31.01 -14.60 23.43
N THR A 413 -31.43 -13.40 23.03
CA THR A 413 -32.82 -13.17 22.66
C THR A 413 -33.08 -13.26 21.17
N GLY A 414 -32.10 -12.89 20.34
CA GLY A 414 -32.23 -12.99 18.91
C GLY A 414 -33.15 -11.95 18.30
N SER A 415 -33.96 -12.38 17.34
CA SER A 415 -34.74 -11.45 16.54
C SER A 415 -35.86 -10.76 17.32
N SER A 416 -36.22 -11.25 18.50
CA SER A 416 -37.30 -10.65 19.28
C SER A 416 -36.78 -9.69 20.35
N VAL A 417 -35.51 -9.32 20.29
CA VAL A 417 -34.94 -8.44 21.31
C VAL A 417 -35.42 -7.01 21.08
N ASP A 418 -35.47 -6.22 22.15
CA ASP A 418 -35.83 -4.80 22.08
C ASP A 418 -34.63 -4.04 21.56
N VAL A 419 -34.60 -3.83 20.24
CA VAL A 419 -33.44 -3.22 19.60
C VAL A 419 -33.22 -1.79 20.09
N SER A 420 -34.30 -1.03 20.26
CA SER A 420 -34.18 0.35 20.70
CA SER A 420 -34.18 0.35 20.70
C SER A 420 -33.58 0.45 22.10
N ALA A 421 -34.01 -0.45 23.00
CA ALA A 421 -33.49 -0.41 24.37
C ALA A 421 -31.99 -0.68 24.40
N LEU A 422 -31.52 -1.65 23.61
CA LEU A 422 -30.10 -1.96 23.56
C LEU A 422 -29.33 -0.87 22.82
N LYS A 423 -29.90 -0.33 21.73
CA LYS A 423 -29.23 0.72 21.00
C LYS A 423 -29.04 1.97 21.86
N ASP A 424 -30.02 2.27 22.72
CA ASP A 424 -29.86 3.40 23.63
C ASP A 424 -28.68 3.18 24.57
N ARG A 425 -28.52 1.94 25.05
CA ARG A 425 -27.41 1.64 25.96
C ARG A 425 -26.07 1.77 25.26
N ALA A 426 -25.97 1.31 24.01
CA ALA A 426 -24.73 1.46 23.27
C ALA A 426 -24.43 2.93 22.99
N THR A 427 -25.47 3.69 22.65
CA THR A 427 -25.29 5.10 22.35
C THR A 427 -24.82 5.87 23.58
N ARG A 428 -25.33 5.52 24.77
CA ARG A 428 -24.86 6.19 25.98
C ARG A 428 -23.36 5.99 26.18
N LEU A 429 -22.86 4.79 25.88
CA LEU A 429 -21.43 4.53 25.99
C LEU A 429 -20.64 5.38 25.00
N ALA A 430 -21.11 5.43 23.75
CA ALA A 430 -20.43 6.22 22.74
C ALA A 430 -20.43 7.70 23.11
N ARG A 431 -21.55 8.20 23.64
CA ARG A 431 -21.62 9.60 24.02
C ARG A 431 -20.70 9.91 25.20
N ALA A 432 -20.49 8.94 26.09
CA ALA A 432 -19.67 9.16 27.27
C ALA A 432 -18.18 9.21 26.94
N PHE A 433 -17.78 8.65 25.80
CA PHE A 433 -16.37 8.56 25.42
C PHE A 433 -16.21 9.12 24.02
N PRO A 434 -16.17 10.45 23.89
CA PRO A 434 -16.05 11.06 22.57
C PRO A 434 -14.81 10.57 21.84
N LEU A 435 -14.96 10.35 20.54
CA LEU A 435 -13.90 9.83 19.68
C LEU A 435 -13.43 10.94 18.75
N TYR A 436 -12.10 11.13 18.67
CA TYR A 436 -11.52 12.15 17.79
C TYR A 436 -12.14 13.52 18.06
N ASP A 437 -12.38 13.80 19.34
CA ASP A 437 -12.95 15.09 19.74
C ASP A 437 -11.98 16.20 19.35
N GLY A 438 -12.45 17.10 18.48
CA GLY A 438 -11.63 18.19 17.99
C GLY A 438 -11.02 17.98 16.63
N LEU A 439 -11.24 16.83 15.99
CA LEU A 439 -10.58 16.56 14.72
C LEU A 439 -10.88 17.64 13.69
N GLU A 440 -12.12 18.17 13.72
CA GLU A 440 -12.52 19.18 12.74
C GLU A 440 -11.73 20.48 12.88
N GLU A 441 -10.94 20.63 13.94
CA GLU A 441 -10.09 21.79 14.11
C GLU A 441 -8.60 21.50 13.95
N TRP A 442 -8.21 20.24 13.84
CA TRP A 442 -6.79 19.91 13.75
C TRP A 442 -6.23 20.27 12.37
N SER A 443 -4.95 20.63 12.37
CA SER A 443 -4.24 21.01 11.15
CA SER A 443 -4.24 21.01 11.16
C SER A 443 -3.48 19.83 10.58
N LEU A 444 -3.19 19.92 9.28
CA LEU A 444 -2.34 18.90 8.63
C LEU A 444 -0.97 18.85 9.29
N VAL A 445 -0.32 20.00 9.47
CA VAL A 445 0.95 20.08 10.16
C VAL A 445 0.81 21.09 11.30
N GLY A 446 1.66 20.91 12.31
CA GLY A 446 1.54 21.76 13.48
C GLY A 446 0.29 21.42 14.28
N ARG A 447 -0.25 22.41 14.97
CA ARG A 447 -1.46 22.22 15.76
C ARG A 447 -2.68 22.72 15.02
N GLY B 20 -4.86 11.61 26.12
CA GLY B 20 -3.41 11.49 26.06
C GLY B 20 -2.83 11.70 24.67
N SER B 21 -2.05 10.72 24.21
CA SER B 21 -1.37 10.85 22.92
C SER B 21 -2.30 10.65 21.74
N MET B 22 -3.54 10.18 21.95
CA MET B 22 -4.45 9.98 20.84
CA MET B 22 -4.43 9.98 20.83
C MET B 22 -4.82 11.29 20.16
N SER B 23 -4.84 12.39 20.91
CA SER B 23 -5.24 13.69 20.39
CA SER B 23 -5.24 13.70 20.40
C SER B 23 -4.09 14.69 20.34
N ALA B 24 -2.87 14.27 20.67
CA ALA B 24 -1.78 15.24 20.66
C ALA B 24 -1.22 15.42 19.25
N PRO B 25 -0.81 16.64 18.89
CA PRO B 25 -0.21 16.85 17.57
C PRO B 25 1.08 16.08 17.41
N LEU B 26 1.38 15.73 16.16
CA LEU B 26 2.63 15.06 15.82
C LEU B 26 3.84 15.79 16.42
N ALA B 27 3.83 17.12 16.38
CA ALA B 27 4.96 17.88 16.90
C ALA B 27 5.22 17.63 18.38
N GLU B 28 4.19 17.22 19.13
CA GLU B 28 4.36 16.89 20.54
CA GLU B 28 4.36 16.89 20.54
C GLU B 28 4.64 15.40 20.75
N VAL B 29 3.97 14.54 19.98
CA VAL B 29 4.12 13.10 20.14
C VAL B 29 5.48 12.63 19.66
N ASP B 30 5.95 13.18 18.54
CA ASP B 30 7.13 12.66 17.86
C ASP B 30 7.85 13.82 17.19
N PRO B 31 8.54 14.65 17.98
CA PRO B 31 9.19 15.84 17.41
C PRO B 31 10.16 15.51 16.29
N ASP B 32 10.87 14.39 16.39
CA ASP B 32 11.82 14.02 15.34
C ASP B 32 11.11 13.80 14.02
N ILE B 33 9.98 13.08 14.03
CA ILE B 33 9.26 12.85 12.78
C ILE B 33 8.63 14.14 12.27
N ALA B 34 8.08 14.96 13.18
CA ALA B 34 7.54 16.25 12.76
C ALA B 34 8.60 17.09 12.06
N GLU B 35 9.81 17.11 12.61
CA GLU B 35 10.88 17.90 12.01
CA GLU B 35 10.88 17.90 12.01
C GLU B 35 11.26 17.36 10.64
N LEU B 36 11.26 16.04 10.47
CA LEU B 36 11.61 15.46 9.19
C LEU B 36 10.53 15.74 8.14
N LEU B 37 9.26 15.73 8.54
CA LEU B 37 8.20 16.15 7.61
C LEU B 37 8.43 17.56 7.12
N ALA B 38 8.81 18.47 8.03
CA ALA B 38 9.09 19.85 7.64
C ALA B 38 10.31 19.95 6.75
N LYS B 39 11.35 19.16 7.04
CA LYS B 39 12.54 19.20 6.20
C LYS B 39 12.24 18.70 4.80
N GLU B 40 11.43 17.63 4.69
CA GLU B 40 11.12 17.09 3.37
C GLU B 40 10.24 18.06 2.58
N LEU B 41 9.28 18.72 3.24
CA LEU B 41 8.52 19.76 2.58
C LEU B 41 9.44 20.87 2.09
N GLY B 42 10.41 21.26 2.91
CA GLY B 42 11.36 22.28 2.49
C GLY B 42 12.19 21.85 1.30
N ARG B 43 12.60 20.57 1.27
CA ARG B 43 13.37 20.05 0.15
C ARG B 43 12.54 20.06 -1.13
N GLN B 44 11.27 19.64 -1.05
CA GLN B 44 10.40 19.70 -2.23
C GLN B 44 10.26 21.13 -2.73
N ARG B 45 10.14 22.09 -1.80
CA ARG B 45 9.98 23.49 -2.18
C ARG B 45 11.24 24.04 -2.82
N ASP B 46 12.41 23.64 -2.32
CA ASP B 46 13.66 24.29 -2.71
C ASP B 46 14.27 23.71 -3.98
N THR B 47 13.89 22.51 -4.38
CA THR B 47 14.49 21.87 -5.53
C THR B 47 13.53 21.92 -6.72
N LEU B 48 14.11 21.76 -7.92
CA LEU B 48 13.35 21.59 -9.14
C LEU B 48 13.30 20.09 -9.41
N GLU B 49 12.17 19.47 -9.11
CA GLU B 49 12.07 18.02 -9.21
CA GLU B 49 11.99 18.03 -9.21
C GLU B 49 11.76 17.63 -10.66
N MET B 50 12.67 16.86 -11.25
CA MET B 50 12.53 16.40 -12.63
C MET B 50 12.75 14.90 -12.76
N ILE B 51 12.50 14.16 -11.68
CA ILE B 51 12.37 12.72 -11.79
C ILE B 51 11.02 12.44 -12.45
N ALA B 52 11.04 11.69 -13.56
CA ALA B 52 9.88 11.61 -14.44
C ALA B 52 8.70 10.86 -13.83
N SER B 53 8.94 10.06 -12.79
CA SER B 53 7.91 9.33 -12.10
C SER B 53 7.37 10.06 -10.89
N GLU B 54 7.87 11.25 -10.58
CA GLU B 54 7.41 11.98 -9.42
C GLU B 54 6.47 13.12 -9.80
N ASN B 55 5.72 13.57 -8.80
CA ASN B 55 4.72 14.62 -8.99
C ASN B 55 4.43 15.20 -7.61
N PHE B 56 3.45 16.11 -7.57
CA PHE B 56 3.00 16.70 -6.31
C PHE B 56 1.49 16.51 -6.20
N VAL B 57 1.06 15.84 -5.14
CA VAL B 57 -0.38 15.61 -4.96
C VAL B 57 -1.08 16.91 -4.55
N PRO B 58 -2.35 17.06 -4.88
CA PRO B 58 -3.12 18.22 -4.41
C PRO B 58 -3.44 18.12 -2.93
N ARG B 59 -3.76 19.27 -2.35
CA ARG B 59 -4.22 19.34 -0.96
C ARG B 59 -5.32 18.32 -0.68
N ALA B 60 -6.28 18.17 -1.59
CA ALA B 60 -7.40 17.29 -1.31
C ALA B 60 -6.96 15.84 -1.18
N VAL B 61 -5.90 15.45 -1.89
CA VAL B 61 -5.39 14.08 -1.76
C VAL B 61 -4.65 13.90 -0.45
N LEU B 62 -3.88 14.92 -0.02
CA LEU B 62 -3.29 14.88 1.31
C LEU B 62 -4.36 14.66 2.38
N GLN B 63 -5.48 15.41 2.28
CA GLN B 63 -6.54 15.27 3.27
C GLN B 63 -7.12 13.87 3.27
N ALA B 64 -7.38 13.31 2.08
CA ALA B 64 -7.93 11.96 2.03
C ALA B 64 -6.96 10.94 2.63
N GLN B 65 -5.67 11.06 2.30
CA GLN B 65 -4.70 10.08 2.80
C GLN B 65 -4.47 10.23 4.30
N GLY B 66 -4.76 11.41 4.87
CA GLY B 66 -4.67 11.60 6.31
C GLY B 66 -5.99 11.40 7.05
N SER B 67 -6.94 10.68 6.43
CA SER B 67 -8.28 10.56 6.98
C SER B 67 -8.45 9.30 7.84
N VAL B 68 -9.55 9.29 8.61
CA VAL B 68 -9.81 8.19 9.53
C VAL B 68 -10.26 6.94 8.78
N LEU B 69 -10.39 7.02 7.45
CA LEU B 69 -10.71 5.82 6.69
C LEU B 69 -9.63 4.76 6.82
N THR B 70 -8.42 5.14 7.26
CA THR B 70 -7.40 4.14 7.58
C THR B 70 -7.88 3.13 8.63
N ASN B 71 -8.85 3.51 9.47
CA ASN B 71 -9.30 2.62 10.53
C ASN B 71 -10.21 1.49 10.06
N LYS B 72 -10.67 1.50 8.81
CA LYS B 72 -11.70 0.56 8.38
C LYS B 72 -11.10 -0.66 7.67
N TYR B 73 -11.42 -1.85 8.20
CA TYR B 73 -11.17 -3.10 7.47
C TYR B 73 -12.32 -3.32 6.48
N ALA B 74 -11.96 -3.58 5.23
CA ALA B 74 -12.98 -3.65 4.19
C ALA B 74 -12.57 -4.66 3.12
N GLU B 75 -12.08 -5.82 3.54
CA GLU B 75 -11.81 -6.90 2.59
C GLU B 75 -13.07 -7.27 1.83
N GLY B 76 -12.91 -7.53 0.53
CA GLY B 76 -14.01 -7.88 -0.33
C GLY B 76 -14.19 -6.85 -1.43
N LEU B 77 -15.44 -6.61 -1.79
CA LEU B 77 -15.83 -5.64 -2.79
C LEU B 77 -16.95 -4.80 -2.20
N PRO B 78 -17.25 -3.64 -2.79
CA PRO B 78 -18.35 -2.81 -2.26
C PRO B 78 -19.65 -3.60 -2.15
N GLY B 79 -20.27 -3.54 -0.97
CA GLY B 79 -21.47 -4.29 -0.72
C GLY B 79 -21.29 -5.78 -0.57
N ARG B 80 -20.05 -6.26 -0.57
CA ARG B 80 -19.74 -7.69 -0.48
C ARG B 80 -18.45 -7.81 0.33
N ARG B 81 -18.54 -7.40 1.60
CA ARG B 81 -17.40 -7.31 2.49
C ARG B 81 -17.43 -8.43 3.52
N TYR B 82 -16.26 -8.65 4.15
CA TYR B 82 -16.14 -9.61 5.23
C TYR B 82 -16.25 -8.95 6.61
N TYR B 83 -16.72 -7.69 6.66
CA TYR B 83 -16.80 -6.92 7.90
C TYR B 83 -18.08 -6.11 7.92
N GLY B 84 -18.62 -5.90 9.12
CA GLY B 84 -19.67 -4.92 9.27
C GLY B 84 -19.15 -3.50 9.12
N GLY B 85 -20.10 -2.57 8.96
CA GLY B 85 -19.81 -1.15 9.03
C GLY B 85 -19.21 -0.51 7.78
N CYS B 86 -19.25 -1.18 6.63
CA CYS B 86 -18.56 -0.66 5.45
C CYS B 86 -19.44 0.23 4.58
N GLU B 87 -20.62 0.65 5.05
CA GLU B 87 -21.57 1.35 4.19
C GLU B 87 -20.95 2.58 3.52
N HIS B 88 -20.13 3.36 4.24
CA HIS B 88 -19.60 4.58 3.64
C HIS B 88 -18.37 4.31 2.78
N VAL B 89 -17.45 3.45 3.25
CA VAL B 89 -16.29 3.17 2.41
C VAL B 89 -16.72 2.41 1.15
N ASP B 90 -17.88 1.75 1.17
CA ASP B 90 -18.37 1.12 -0.06
C ASP B 90 -18.72 2.17 -1.11
N VAL B 91 -19.35 3.28 -0.70
CA VAL B 91 -19.64 4.35 -1.65
C VAL B 91 -18.34 4.98 -2.15
N VAL B 92 -17.37 5.15 -1.24
CA VAL B 92 -16.06 5.68 -1.64
C VAL B 92 -15.45 4.82 -2.73
N GLU B 93 -15.42 3.50 -2.52
CA GLU B 93 -14.77 2.63 -3.49
C GLU B 93 -15.56 2.60 -4.81
N ASN B 94 -16.89 2.65 -4.74
CA ASN B 94 -17.66 2.69 -5.99
C ASN B 94 -17.47 4.00 -6.74
N LEU B 95 -17.31 5.12 -6.02
CA LEU B 95 -16.98 6.37 -6.71
C LEU B 95 -15.65 6.26 -7.42
N ALA B 96 -14.65 5.67 -6.76
CA ALA B 96 -13.35 5.50 -7.41
C ALA B 96 -13.47 4.60 -8.64
N ARG B 97 -14.20 3.49 -8.52
CA ARG B 97 -14.36 2.57 -9.64
C ARG B 97 -15.10 3.24 -10.80
N ASP B 98 -16.22 3.91 -10.48
CA ASP B 98 -17.03 4.54 -11.54
C ASP B 98 -16.25 5.65 -12.23
N ARG B 99 -15.50 6.44 -11.46
CA ARG B 99 -14.71 7.51 -12.05
C ARG B 99 -13.58 6.96 -12.91
N ALA B 100 -12.93 5.87 -12.46
CA ALA B 100 -11.89 5.26 -13.28
C ALA B 100 -12.46 4.73 -14.59
N LYS B 101 -13.61 4.05 -14.52
CA LYS B 101 -14.22 3.52 -15.75
CA LYS B 101 -14.22 3.52 -15.75
C LYS B 101 -14.61 4.65 -16.70
N ALA B 102 -15.19 5.72 -16.15
CA ALA B 102 -15.64 6.84 -16.99
C ALA B 102 -14.45 7.60 -17.58
N LEU B 103 -13.44 7.88 -16.75
CA LEU B 103 -12.29 8.65 -17.21
C LEU B 103 -11.55 7.92 -18.33
N PHE B 104 -11.38 6.62 -18.20
CA PHE B 104 -10.57 5.86 -19.15
C PHE B 104 -11.40 5.09 -20.17
N GLY B 105 -12.73 5.13 -20.07
CA GLY B 105 -13.56 4.37 -20.99
C GLY B 105 -13.42 2.87 -20.85
N ALA B 106 -13.19 2.39 -19.62
CA ALA B 106 -12.96 0.97 -19.38
C ALA B 106 -14.22 0.28 -18.91
N GLU B 107 -14.27 -1.03 -19.15
CA GLU B 107 -15.45 -1.82 -18.82
C GLU B 107 -15.49 -2.23 -17.34
N PHE B 108 -14.34 -2.36 -16.69
CA PHE B 108 -14.32 -2.56 -15.25
C PHE B 108 -13.09 -1.87 -14.67
N ALA B 109 -13.12 -1.66 -13.36
CA ALA B 109 -11.97 -1.13 -12.64
C ALA B 109 -11.84 -1.84 -11.31
N ASN B 110 -10.61 -2.07 -10.88
CA ASN B 110 -10.33 -2.47 -9.51
C ASN B 110 -9.39 -1.43 -8.92
N VAL B 111 -9.84 -0.78 -7.86
CA VAL B 111 -9.13 0.37 -7.29
C VAL B 111 -8.39 0.00 -6.02
N GLN B 112 -8.29 -1.29 -5.69
CA GLN B 112 -7.60 -1.73 -4.48
C GLN B 112 -6.07 -1.91 -4.55
N PRO B 113 -5.40 -2.05 -5.70
CA PRO B 113 -3.96 -2.31 -5.65
C PRO B 113 -3.18 -1.29 -4.83
N HIS B 114 -2.30 -1.79 -3.96
CA HIS B 114 -1.54 -0.90 -3.08
C HIS B 114 -0.49 -0.08 -3.81
N SER B 115 -0.11 -0.46 -5.04
CA SER B 115 1.03 0.14 -5.72
C SER B 115 0.98 -0.30 -7.17
N GLY B 116 1.89 0.27 -7.97
CA GLY B 116 2.02 -0.20 -9.34
C GLY B 116 2.51 -1.64 -9.40
N ALA B 117 3.49 -1.99 -8.55
CA ALA B 117 3.98 -3.36 -8.51
C ALA B 117 2.87 -4.33 -8.11
N GLN B 118 2.06 -3.97 -7.12
CA GLN B 118 0.99 -4.86 -6.69
C GLN B 118 -0.12 -4.96 -7.73
N ALA B 119 -0.37 -3.88 -8.47
CA ALA B 119 -1.29 -3.98 -9.59
C ALA B 119 -0.78 -5.02 -10.59
N ASN B 120 0.50 -4.94 -10.94
CA ASN B 120 1.04 -5.87 -11.93
C ASN B 120 1.07 -7.30 -11.41
N ALA B 121 1.39 -7.49 -10.12
CA ALA B 121 1.39 -8.83 -9.53
C ALA B 121 0.00 -9.45 -9.65
N ALA B 122 -1.05 -8.68 -9.38
CA ALA B 122 -2.41 -9.21 -9.49
C ALA B 122 -2.79 -9.51 -10.94
N VAL B 123 -2.40 -8.64 -11.89
CA VAL B 123 -2.73 -8.93 -13.28
C VAL B 123 -2.11 -10.25 -13.71
N LEU B 124 -0.81 -10.44 -13.41
CA LEU B 124 -0.15 -11.67 -13.85
C LEU B 124 -0.73 -12.89 -13.14
N HIS B 125 -1.06 -12.74 -11.85
CA HIS B 125 -1.78 -13.78 -11.11
C HIS B 125 -3.08 -14.15 -11.82
N ALA B 126 -3.81 -13.15 -12.32
CA ALA B 126 -5.09 -13.42 -12.96
C ALA B 126 -4.93 -14.08 -14.32
N LEU B 127 -3.89 -13.71 -15.07
CA LEU B 127 -3.81 -14.07 -16.48
C LEU B 127 -2.93 -15.27 -16.78
N MET B 128 -2.05 -15.67 -15.86
CA MET B 128 -1.14 -16.76 -16.17
C MET B 128 -0.82 -17.54 -14.90
N SER B 129 -0.14 -18.66 -15.08
CA SER B 129 0.29 -19.54 -14.01
C SER B 129 1.80 -19.55 -13.94
N PRO B 130 2.38 -19.87 -12.77
CA PRO B 130 3.85 -19.96 -12.69
C PRO B 130 4.37 -20.94 -13.73
N GLY B 131 5.49 -20.57 -14.35
CA GLY B 131 6.09 -21.35 -15.39
C GLY B 131 5.68 -20.95 -16.80
N GLU B 132 4.59 -20.22 -16.95
CA GLU B 132 4.15 -19.79 -18.26
C GLU B 132 4.98 -18.60 -18.72
N ARG B 133 4.85 -18.26 -20.00
CA ARG B 133 5.78 -17.38 -20.68
CA ARG B 133 5.78 -17.38 -20.68
C ARG B 133 5.27 -15.94 -20.70
N LEU B 134 6.14 -15.01 -20.30
CA LEU B 134 5.85 -13.59 -20.24
C LEU B 134 6.81 -12.86 -21.16
N LEU B 135 6.29 -11.94 -21.98
CA LEU B 135 7.11 -11.16 -22.90
C LEU B 135 6.96 -9.68 -22.56
N GLY B 136 8.08 -9.02 -22.25
CA GLY B 136 8.03 -7.62 -21.88
C GLY B 136 9.22 -6.86 -22.45
N LEU B 137 9.19 -5.54 -22.26
CA LEU B 137 10.31 -4.71 -22.67
C LEU B 137 11.49 -4.87 -21.71
N ASP B 138 12.67 -5.10 -22.27
CA ASP B 138 13.87 -5.28 -21.48
C ASP B 138 14.16 -4.06 -20.60
N LEU B 139 14.67 -4.32 -19.38
CA LEU B 139 14.98 -3.24 -18.46
C LEU B 139 15.94 -2.23 -19.08
N ALA B 140 17.01 -2.71 -19.70
CA ALA B 140 17.99 -1.81 -20.30
C ALA B 140 17.41 -1.03 -21.48
N ASN B 141 16.31 -1.51 -22.05
CA ASN B 141 15.64 -0.84 -23.16
C ASN B 141 14.44 -0.02 -22.70
N GLY B 142 14.28 0.18 -21.39
CA GLY B 142 13.23 1.04 -20.87
C GLY B 142 12.09 0.36 -20.15
N GLY B 143 12.14 -0.96 -19.98
CA GLY B 143 11.08 -1.66 -19.26
C GLY B 143 11.15 -1.46 -17.76
N HIS B 144 10.14 -1.96 -17.05
CA HIS B 144 10.12 -1.90 -15.60
C HIS B 144 10.52 -3.26 -15.00
N LEU B 145 10.99 -3.24 -13.75
CA LEU B 145 11.40 -4.49 -13.13
C LEU B 145 10.24 -5.48 -12.98
N THR B 146 8.99 -5.01 -12.95
CA THR B 146 7.87 -5.96 -12.88
C THR B 146 7.47 -6.49 -14.25
N HIS B 147 8.28 -6.23 -15.29
CA HIS B 147 8.02 -6.77 -16.60
C HIS B 147 8.91 -7.97 -16.90
N GLY B 148 9.56 -8.53 -15.88
CA GLY B 148 10.31 -9.77 -16.02
C GLY B 148 11.67 -9.85 -15.35
N MET B 149 12.06 -8.85 -14.56
CA MET B 149 13.40 -8.87 -13.98
C MET B 149 13.55 -10.04 -13.01
N ARG B 150 14.70 -10.71 -13.06
CA ARG B 150 14.80 -12.05 -12.49
C ARG B 150 14.68 -12.09 -10.97
N LEU B 151 14.91 -10.98 -10.27
CA LEU B 151 14.74 -10.94 -8.82
C LEU B 151 13.33 -10.54 -8.40
N ASN B 152 12.53 -10.02 -9.33
CA ASN B 152 11.16 -9.65 -9.05
C ASN B 152 10.24 -10.86 -9.26
N PHE B 153 9.05 -10.81 -8.68
CA PHE B 153 8.08 -11.88 -8.89
C PHE B 153 7.88 -12.17 -10.37
N SER B 154 7.98 -11.14 -11.23
CA SER B 154 7.71 -11.33 -12.65
C SER B 154 8.77 -12.20 -13.31
N GLY B 155 9.98 -12.24 -12.76
CA GLY B 155 11.03 -13.11 -13.26
C GLY B 155 11.11 -14.41 -12.49
N LYS B 156 10.77 -14.37 -11.20
CA LYS B 156 10.88 -15.56 -10.36
C LYS B 156 9.81 -16.59 -10.70
N LEU B 157 8.60 -16.14 -11.07
CA LEU B 157 7.49 -17.05 -11.26
C LEU B 157 7.30 -17.50 -12.70
N TYR B 158 7.82 -16.76 -13.68
CA TYR B 158 7.45 -16.96 -15.07
C TYR B 158 8.70 -17.15 -15.92
N GLU B 159 8.51 -17.73 -17.11
CA GLU B 159 9.57 -17.85 -18.08
C GLU B 159 9.60 -16.59 -18.93
N ASN B 160 10.71 -15.86 -18.90
CA ASN B 160 10.72 -14.50 -19.43
C ASN B 160 11.37 -14.42 -20.80
N GLY B 161 10.73 -13.66 -21.68
CA GLY B 161 11.31 -13.22 -22.93
C GLY B 161 11.23 -11.72 -23.01
N PHE B 162 12.08 -11.09 -23.82
CA PHE B 162 12.13 -9.64 -23.88
C PHE B 162 12.22 -9.16 -25.32
N TYR B 163 11.61 -8.01 -25.57
CA TYR B 163 11.88 -7.24 -26.77
C TYR B 163 12.58 -5.93 -26.37
N GLY B 164 13.12 -5.24 -27.37
CA GLY B 164 13.85 -4.03 -27.10
C GLY B 164 13.57 -2.94 -28.12
N VAL B 165 14.46 -1.96 -28.20
CA VAL B 165 14.35 -0.89 -29.18
C VAL B 165 15.38 -1.10 -30.26
N ASP B 166 15.08 -0.59 -31.44
CA ASP B 166 16.03 -0.62 -32.55
C ASP B 166 17.27 0.19 -32.17
N PRO B 167 18.48 -0.34 -32.38
CA PRO B 167 19.68 0.41 -31.99
C PRO B 167 19.89 1.71 -32.74
N ALA B 168 19.30 1.86 -33.93
CA ALA B 168 19.51 3.07 -34.72
C ALA B 168 18.47 4.16 -34.42
N THR B 169 17.19 3.79 -34.36
CA THR B 169 16.13 4.76 -34.13
C THR B 169 15.76 4.89 -32.66
N HIS B 170 16.10 3.90 -31.84
CA HIS B 170 15.69 3.80 -30.44
C HIS B 170 14.17 3.71 -30.28
N LEU B 171 13.49 3.27 -31.34
CA LEU B 171 12.06 2.99 -31.32
C LEU B 171 11.84 1.49 -31.20
N ILE B 172 10.74 1.11 -30.58
CA ILE B 172 10.35 -0.29 -30.59
C ILE B 172 9.92 -0.67 -31.99
N ASP B 173 10.53 -1.73 -32.54
CA ASP B 173 10.24 -2.20 -33.89
C ASP B 173 9.16 -3.28 -33.77
N MET B 174 7.93 -2.96 -34.21
CA MET B 174 6.85 -3.91 -33.99
C MET B 174 6.97 -5.15 -34.87
N ASP B 175 7.69 -5.09 -35.99
CA ASP B 175 7.98 -6.32 -36.72
C ASP B 175 8.92 -7.22 -35.93
N ALA B 176 9.87 -6.63 -35.21
CA ALA B 176 10.74 -7.40 -34.33
C ALA B 176 9.96 -7.96 -33.14
N VAL B 177 9.05 -7.16 -32.56
CA VAL B 177 8.22 -7.67 -31.48
C VAL B 177 7.38 -8.84 -31.98
N ARG B 178 6.81 -8.70 -33.17
CA ARG B 178 6.01 -9.79 -33.72
C ARG B 178 6.85 -11.05 -33.93
N ALA B 179 8.05 -10.88 -34.49
CA ALA B 179 8.93 -12.02 -34.71
C ALA B 179 9.29 -12.70 -33.39
N THR B 180 9.57 -11.90 -32.36
CA THR B 180 9.85 -12.47 -31.05
C THR B 180 8.64 -13.22 -30.50
N ALA B 181 7.45 -12.65 -30.63
CA ALA B 181 6.24 -13.31 -30.09
C ALA B 181 5.95 -14.61 -30.84
N LEU B 182 6.20 -14.64 -32.15
CA LEU B 182 5.96 -15.86 -32.91
C LEU B 182 6.93 -16.96 -32.49
N GLU B 183 8.17 -16.60 -32.17
CA GLU B 183 9.16 -17.60 -31.75
C GLU B 183 8.93 -18.03 -30.31
N PHE B 184 8.59 -17.07 -29.45
CA PHE B 184 8.56 -17.31 -28.01
C PHE B 184 7.21 -17.81 -27.52
N ARG B 185 6.14 -17.47 -28.22
CA ARG B 185 4.79 -17.89 -27.88
C ARG B 185 4.42 -17.55 -26.43
N PRO B 186 4.41 -16.28 -26.07
CA PRO B 186 4.09 -15.90 -24.68
C PRO B 186 2.62 -16.11 -24.36
N LYS B 187 2.36 -16.35 -23.08
CA LYS B 187 0.99 -16.35 -22.58
C LYS B 187 0.48 -14.93 -22.39
N VAL B 188 1.35 -14.03 -21.95
CA VAL B 188 1.03 -12.63 -21.72
C VAL B 188 2.11 -11.78 -22.36
N ILE B 189 1.71 -10.76 -23.09
CA ILE B 189 2.60 -9.72 -23.60
C ILE B 189 2.34 -8.44 -22.80
N ILE B 190 3.41 -7.83 -22.29
CA ILE B 190 3.32 -6.53 -21.63
C ILE B 190 3.78 -5.46 -22.61
N ALA B 191 2.95 -4.47 -22.84
CA ALA B 191 3.33 -3.21 -23.47
C ALA B 191 3.36 -2.15 -22.39
N GLY B 192 4.46 -1.43 -22.29
CA GLY B 192 4.61 -0.44 -21.25
C GLY B 192 6.07 -0.25 -20.90
N TRP B 193 6.32 0.79 -20.13
CA TRP B 193 7.69 1.24 -19.99
C TRP B 193 7.82 2.16 -18.79
N SER B 194 9.07 2.22 -18.29
CA SER B 194 9.48 3.25 -17.36
C SER B 194 10.33 4.32 -18.01
N ALA B 195 10.94 4.04 -19.17
CA ALA B 195 11.80 5.05 -19.81
C ALA B 195 11.79 4.79 -21.32
N TYR B 196 10.83 5.41 -22.00
CA TYR B 196 10.68 5.32 -23.44
C TYR B 196 10.08 6.65 -23.87
N PRO B 197 10.59 7.29 -24.93
CA PRO B 197 10.18 8.67 -25.24
C PRO B 197 9.11 8.82 -26.31
N ARG B 198 8.49 7.74 -26.77
CA ARG B 198 7.56 7.82 -27.88
C ARG B 198 6.28 7.08 -27.55
N VAL B 199 5.31 7.14 -28.47
CA VAL B 199 4.01 6.51 -28.27
C VAL B 199 4.05 5.06 -28.72
N LEU B 200 3.62 4.17 -27.84
CA LEU B 200 3.47 2.75 -28.16
C LEU B 200 2.38 2.55 -29.19
N ASP B 201 2.60 1.56 -30.08
CA ASP B 201 1.62 1.20 -31.10
C ASP B 201 0.71 0.11 -30.54
N PHE B 202 -0.35 0.53 -29.86
CA PHE B 202 -1.21 -0.41 -29.17
C PHE B 202 -1.97 -1.30 -30.15
N ALA B 203 -2.39 -0.76 -31.30
CA ALA B 203 -3.03 -1.59 -32.31
C ALA B 203 -2.13 -2.73 -32.75
N ALA B 204 -0.83 -2.44 -32.96
CA ALA B 204 0.09 -3.50 -33.34
C ALA B 204 0.26 -4.53 -32.22
N PHE B 205 0.35 -4.08 -30.97
CA PHE B 205 0.46 -5.03 -29.87
C PHE B 205 -0.76 -5.95 -29.82
N ARG B 206 -1.95 -5.39 -30.03
CA ARG B 206 -3.16 -6.22 -30.03
C ARG B 206 -3.13 -7.22 -31.18
N SER B 207 -2.74 -6.77 -32.38
CA SER B 207 -2.67 -7.68 -33.51
CA SER B 207 -2.68 -7.68 -33.51
C SER B 207 -1.72 -8.83 -33.23
N ILE B 208 -0.56 -8.53 -32.65
CA ILE B 208 0.41 -9.57 -32.33
C ILE B 208 -0.14 -10.51 -31.26
N ALA B 209 -0.73 -9.94 -30.20
CA ALA B 209 -1.31 -10.78 -29.15
C ALA B 209 -2.38 -11.71 -29.72
N ASP B 210 -3.27 -11.19 -30.56
CA ASP B 210 -4.30 -12.02 -31.18
C ASP B 210 -3.68 -13.13 -32.01
N GLU B 211 -2.63 -12.80 -32.76
CA GLU B 211 -2.04 -13.76 -33.68
C GLU B 211 -1.43 -14.95 -32.94
N VAL B 212 -0.85 -14.73 -31.77
CA VAL B 212 -0.17 -15.79 -31.04
C VAL B 212 -1.00 -16.31 -29.87
N GLY B 213 -2.21 -15.78 -29.67
CA GLY B 213 -3.04 -16.26 -28.59
C GLY B 213 -2.60 -15.81 -27.22
N ALA B 214 -1.98 -14.64 -27.12
CA ALA B 214 -1.55 -14.10 -25.84
C ALA B 214 -2.56 -13.08 -25.33
N LYS B 215 -2.58 -12.90 -24.01
CA LYS B 215 -3.25 -11.75 -23.40
C LYS B 215 -2.34 -10.54 -23.49
N LEU B 216 -2.95 -9.36 -23.60
CA LEU B 216 -2.21 -8.11 -23.69
C LEU B 216 -2.47 -7.27 -22.45
N LEU B 217 -1.43 -7.08 -21.65
CA LEU B 217 -1.42 -6.13 -20.54
C LEU B 217 -0.67 -4.88 -20.99
N VAL B 218 -1.31 -3.72 -20.85
CA VAL B 218 -0.59 -2.46 -21.00
C VAL B 218 -0.40 -1.89 -19.61
N ASP B 219 0.86 -1.62 -19.26
CA ASP B 219 1.20 -0.96 -18.01
C ASP B 219 1.43 0.51 -18.37
N MET B 220 0.40 1.34 -18.14
CA MET B 220 0.45 2.74 -18.52
C MET B 220 0.87 3.66 -17.37
N ALA B 221 1.49 3.10 -16.32
CA ALA B 221 1.87 3.89 -15.15
C ALA B 221 2.41 5.28 -15.49
N HIS B 222 3.37 5.35 -16.42
CA HIS B 222 4.00 6.64 -16.65
C HIS B 222 3.09 7.61 -17.37
N PHE B 223 2.30 7.14 -18.34
CA PHE B 223 1.60 8.05 -19.22
C PHE B 223 0.09 8.09 -18.98
N ALA B 224 -0.39 7.56 -17.86
CA ALA B 224 -1.83 7.50 -17.60
C ALA B 224 -2.45 8.89 -17.56
N GLY B 225 -1.73 9.88 -17.02
CA GLY B 225 -2.29 11.22 -16.97
C GLY B 225 -2.38 11.85 -18.35
N LEU B 226 -1.42 11.54 -19.22
CA LEU B 226 -1.52 11.97 -20.61
C LEU B 226 -2.71 11.34 -21.30
N VAL B 227 -2.96 10.06 -21.01
CA VAL B 227 -4.12 9.38 -21.59
C VAL B 227 -5.40 10.05 -21.11
N ALA B 228 -5.49 10.32 -19.80
CA ALA B 228 -6.71 10.89 -19.25
C ALA B 228 -7.05 12.23 -19.88
N ALA B 229 -6.02 13.00 -20.25
CA ALA B 229 -6.21 14.31 -20.85
C ALA B 229 -6.32 14.25 -22.38
N GLY B 230 -6.31 13.06 -22.97
CA GLY B 230 -6.42 12.94 -24.41
C GLY B 230 -5.18 13.33 -25.18
N LEU B 231 -4.01 13.29 -24.55
CA LEU B 231 -2.76 13.70 -25.17
C LEU B 231 -1.83 12.54 -25.50
N HIS B 232 -2.26 11.31 -25.25
CA HIS B 232 -1.53 10.08 -25.55
C HIS B 232 -2.63 9.10 -25.94
N PRO B 233 -2.46 8.34 -27.03
CA PRO B 233 -3.47 7.35 -27.39
C PRO B 233 -3.75 6.40 -26.23
N SER B 234 -5.01 6.04 -26.08
CA SER B 234 -5.34 5.21 -24.93
C SER B 234 -5.05 3.74 -25.25
N PRO B 235 -4.53 2.99 -24.27
CA PRO B 235 -4.42 1.53 -24.43
C PRO B 235 -5.73 0.80 -24.15
N VAL B 236 -6.71 1.49 -23.55
CA VAL B 236 -7.90 0.79 -23.06
C VAL B 236 -8.68 0.13 -24.19
N PRO B 237 -8.82 0.74 -25.38
CA PRO B 237 -9.53 0.03 -26.45
C PRO B 237 -8.86 -1.28 -26.86
N HIS B 238 -7.54 -1.38 -26.73
CA HIS B 238 -6.76 -2.46 -27.31
C HIS B 238 -6.40 -3.56 -26.32
N ALA B 239 -6.21 -3.20 -25.06
CA ALA B 239 -5.65 -4.11 -24.08
C ALA B 239 -6.74 -4.97 -23.45
N ASP B 240 -6.36 -6.19 -23.07
CA ASP B 240 -7.23 -6.99 -22.21
C ASP B 240 -7.34 -6.37 -20.83
N VAL B 241 -6.20 -5.97 -20.27
CA VAL B 241 -6.11 -5.39 -18.94
C VAL B 241 -5.08 -4.26 -19.00
N VAL B 242 -5.34 -3.19 -18.25
CA VAL B 242 -4.44 -2.04 -18.16
C VAL B 242 -4.13 -1.79 -16.70
N SER B 243 -2.84 -1.79 -16.36
CA SER B 243 -2.42 -1.46 -15.00
C SER B 243 -1.81 -0.07 -14.98
N THR B 244 -1.83 0.55 -13.80
CA THR B 244 -1.19 1.86 -13.68
C THR B 244 -0.87 2.16 -12.23
N THR B 245 0.13 3.02 -12.05
CA THR B 245 0.25 3.78 -10.82
C THR B 245 -0.70 4.97 -10.86
N VAL B 246 -1.16 5.40 -9.68
CA VAL B 246 -1.98 6.60 -9.61
C VAL B 246 -1.11 7.86 -9.45
N HIS B 247 0.05 7.70 -8.83
N HIS B 247 0.18 7.70 -9.13
CA HIS B 247 1.08 8.71 -8.94
CA HIS B 247 1.01 8.79 -8.64
C HIS B 247 1.63 8.69 -10.36
C HIS B 247 2.01 9.37 -9.65
N LYS B 248 2.66 9.51 -10.57
N LYS B 248 1.98 8.98 -10.92
CA LYS B 248 3.24 9.86 -11.88
CA LYS B 248 2.90 9.60 -11.86
C LYS B 248 2.30 10.83 -12.58
C LYS B 248 2.23 10.78 -12.58
N THR B 249 2.11 10.71 -13.91
CA THR B 249 1.40 11.79 -14.60
C THR B 249 -0.07 11.90 -14.15
N LEU B 250 -0.67 10.83 -13.66
CA LEU B 250 -2.05 10.92 -13.19
C LEU B 250 -2.16 11.82 -11.96
N GLY B 251 -1.05 12.02 -11.23
CA GLY B 251 -0.98 13.10 -10.27
C GLY B 251 -1.60 12.81 -8.92
N GLY B 252 -1.86 11.55 -8.60
CA GLY B 252 -2.54 11.19 -7.37
C GLY B 252 -1.63 10.60 -6.32
N GLY B 253 -2.25 10.08 -5.27
CA GLY B 253 -1.52 9.48 -4.18
C GLY B 253 -0.92 8.13 -4.55
N ARG B 254 0.13 7.77 -3.82
CA ARG B 254 0.97 6.64 -4.18
C ARG B 254 0.21 5.33 -4.01
N SER B 255 -0.06 4.65 -5.13
CA SER B 255 -0.97 3.53 -5.16
C SER B 255 -1.13 3.00 -6.57
N GLY B 256 -1.90 1.93 -6.75
CA GLY B 256 -2.11 1.33 -8.05
C GLY B 256 -3.59 1.27 -8.43
N LEU B 257 -3.81 0.85 -9.68
CA LEU B 257 -5.15 0.83 -10.25
C LEU B 257 -5.12 -0.15 -11.43
N ILE B 258 -6.21 -0.91 -11.61
CA ILE B 258 -6.38 -1.77 -12.78
C ILE B 258 -7.71 -1.44 -13.45
N VAL B 259 -7.71 -1.35 -14.78
CA VAL B 259 -8.93 -1.27 -15.56
C VAL B 259 -8.83 -2.27 -16.70
N GLY B 260 -9.96 -2.62 -17.32
CA GLY B 260 -9.86 -3.52 -18.44
C GLY B 260 -11.21 -3.98 -18.95
N LYS B 261 -11.15 -5.00 -19.81
CA LYS B 261 -12.33 -5.55 -20.46
C LYS B 261 -13.14 -6.39 -19.48
N GLN B 262 -14.47 -6.39 -19.66
CA GLN B 262 -15.37 -6.99 -18.68
C GLN B 262 -15.09 -8.46 -18.44
N GLN B 263 -14.66 -9.18 -19.48
CA GLN B 263 -14.46 -10.61 -19.32
C GLN B 263 -13.35 -10.95 -18.33
N TYR B 264 -12.49 -9.98 -17.99
CA TYR B 264 -11.43 -10.22 -17.02
C TYR B 264 -11.76 -9.70 -15.63
N ALA B 265 -12.92 -9.10 -15.43
CA ALA B 265 -13.23 -8.45 -14.16
C ALA B 265 -13.20 -9.44 -13.00
N LYS B 266 -13.87 -10.58 -13.15
CA LYS B 266 -13.90 -11.53 -12.03
C LYS B 266 -12.51 -12.06 -11.70
N ALA B 267 -11.73 -12.40 -12.74
CA ALA B 267 -10.38 -12.90 -12.50
C ALA B 267 -9.51 -11.86 -11.82
N ILE B 268 -9.61 -10.60 -12.28
CA ILE B 268 -8.77 -9.55 -11.71
C ILE B 268 -9.19 -9.24 -10.28
N ASN B 269 -10.50 -9.12 -10.03
CA ASN B 269 -10.94 -8.84 -8.67
C ASN B 269 -10.44 -9.91 -7.71
N SER B 270 -10.57 -11.18 -8.11
CA SER B 270 -10.13 -12.28 -7.25
CA SER B 270 -10.12 -12.27 -7.25
C SER B 270 -8.61 -12.29 -7.10
N ALA B 271 -7.88 -11.91 -8.15
CA ALA B 271 -6.42 -11.87 -8.05
C ALA B 271 -5.97 -10.78 -7.09
N VAL B 272 -6.67 -9.64 -7.04
CA VAL B 272 -6.32 -8.60 -6.09
C VAL B 272 -6.65 -9.05 -4.67
N PHE B 273 -7.88 -9.54 -4.45
CA PHE B 273 -8.27 -10.09 -3.16
C PHE B 273 -9.14 -11.30 -3.42
N PRO B 274 -8.82 -12.47 -2.85
CA PRO B 274 -7.73 -12.75 -1.88
C PRO B 274 -6.42 -13.22 -2.51
N GLY B 275 -6.26 -13.03 -3.83
CA GLY B 275 -5.07 -13.56 -4.49
C GLY B 275 -3.78 -12.94 -3.99
N GLN B 276 -3.73 -11.61 -3.92
CA GLN B 276 -2.48 -10.91 -3.60
C GLN B 276 -2.54 -10.11 -2.32
N GLN B 277 -3.69 -9.48 -2.03
CA GLN B 277 -3.79 -8.51 -0.93
C GLN B 277 -4.80 -9.00 0.11
N GLY B 278 -4.80 -8.29 1.23
CA GLY B 278 -5.84 -8.41 2.25
C GLY B 278 -6.70 -7.17 2.27
N GLY B 279 -6.69 -6.43 3.38
CA GLY B 279 -7.49 -5.24 3.47
C GLY B 279 -6.96 -4.12 2.57
N PRO B 280 -7.84 -3.48 1.82
CA PRO B 280 -7.43 -2.31 1.03
C PRO B 280 -7.26 -1.07 1.90
N LEU B 281 -6.50 -0.11 1.38
CA LEU B 281 -6.26 1.16 2.07
C LEU B 281 -7.38 2.13 1.71
N MET B 282 -8.44 2.17 2.54
CA MET B 282 -9.62 2.91 2.11
C MET B 282 -9.38 4.42 2.07
N HIS B 283 -8.50 4.93 2.95
CA HIS B 283 -8.13 6.34 2.88
C HIS B 283 -7.41 6.65 1.56
N VAL B 284 -6.55 5.74 1.12
CA VAL B 284 -5.87 5.96 -0.15
C VAL B 284 -6.86 5.84 -1.31
N ILE B 285 -7.81 4.90 -1.21
CA ILE B 285 -8.83 4.77 -2.27
C ILE B 285 -9.68 6.03 -2.33
N ALA B 286 -10.00 6.63 -1.19
CA ALA B 286 -10.71 7.92 -1.23
C ALA B 286 -9.89 8.95 -2.00
N GLY B 287 -8.59 9.00 -1.78
CA GLY B 287 -7.74 9.89 -2.57
C GLY B 287 -7.69 9.54 -4.04
N LYS B 288 -7.80 8.25 -4.40
CA LYS B 288 -7.89 7.88 -5.82
C LYS B 288 -9.13 8.48 -6.45
N ALA B 289 -10.27 8.38 -5.76
CA ALA B 289 -11.48 9.00 -6.28
C ALA B 289 -11.26 10.49 -6.54
N VAL B 290 -10.60 11.18 -5.61
CA VAL B 290 -10.33 12.60 -5.77
C VAL B 290 -9.45 12.84 -6.99
N ALA B 291 -8.35 12.08 -7.10
CA ALA B 291 -7.43 12.26 -8.22
C ALA B 291 -8.11 11.99 -9.56
N LEU B 292 -8.99 11.00 -9.61
CA LEU B 292 -9.69 10.68 -10.86
C LEU B 292 -10.66 11.78 -11.24
N LYS B 293 -11.31 12.40 -10.26
CA LYS B 293 -12.18 13.54 -10.56
CA LYS B 293 -12.18 13.54 -10.56
C LYS B 293 -11.37 14.72 -11.07
N ILE B 294 -10.25 15.03 -10.40
CA ILE B 294 -9.38 16.11 -10.86
C ILE B 294 -8.89 15.85 -12.28
N ALA B 295 -8.61 14.58 -12.60
CA ALA B 295 -8.03 14.24 -13.90
C ALA B 295 -9.00 14.47 -15.06
N ALA B 296 -10.28 14.72 -14.77
CA ALA B 296 -11.26 15.04 -15.80
C ALA B 296 -11.44 16.54 -16.03
N THR B 297 -10.67 17.39 -15.32
CA THR B 297 -10.92 18.82 -15.37
C THR B 297 -10.08 19.50 -16.44
N PRO B 298 -10.51 20.68 -16.90
CA PRO B 298 -9.67 21.47 -17.82
C PRO B 298 -8.34 21.89 -17.20
N GLU B 299 -8.32 22.17 -15.90
CA GLU B 299 -7.06 22.52 -15.25
C GLU B 299 -6.05 21.39 -15.35
N PHE B 300 -6.51 20.16 -15.12
CA PHE B 300 -5.61 19.01 -15.26
C PHE B 300 -5.16 18.84 -16.70
N ALA B 301 -6.07 19.02 -17.66
CA ALA B 301 -5.69 18.87 -19.06
C ALA B 301 -4.64 19.89 -19.45
N ASP B 302 -4.78 21.13 -18.97
CA ASP B 302 -3.77 22.14 -19.27
C ASP B 302 -2.44 21.78 -18.66
N ARG B 303 -2.46 21.22 -17.44
CA ARG B 303 -1.24 20.75 -16.81
C ARG B 303 -0.55 19.67 -17.63
N GLN B 304 -1.34 18.76 -18.22
CA GLN B 304 -0.74 17.73 -19.07
C GLN B 304 -0.21 18.34 -20.36
N ARG B 305 -0.91 19.34 -20.90
CA ARG B 305 -0.42 20.06 -22.08
C ARG B 305 0.92 20.71 -21.78
N ARG B 306 1.03 21.38 -20.63
CA ARG B 306 2.30 22.02 -20.27
C ARG B 306 3.39 21.00 -20.01
N THR B 307 3.03 19.83 -19.47
CA THR B 307 3.97 18.72 -19.33
C THR B 307 4.58 18.33 -20.67
N LEU B 308 3.72 18.11 -21.67
CA LEU B 308 4.18 17.67 -22.98
CA LEU B 308 4.20 17.66 -22.97
C LEU B 308 4.98 18.75 -23.68
N SER B 309 4.45 19.97 -23.70
CA SER B 309 5.16 21.06 -24.37
CA SER B 309 5.16 21.07 -24.35
C SER B 309 6.51 21.31 -23.70
N GLY B 310 6.56 21.22 -22.37
CA GLY B 310 7.83 21.42 -21.66
C GLY B 310 8.86 20.37 -22.01
N ALA B 311 8.43 19.11 -22.11
CA ALA B 311 9.35 18.06 -22.50
C ALA B 311 9.88 18.28 -23.91
N ARG B 312 9.00 18.72 -24.82
CA ARG B 312 9.45 18.98 -26.18
C ARG B 312 10.39 20.18 -26.26
N ILE B 313 10.16 21.18 -25.42
CA ILE B 313 11.05 22.33 -25.36
C ILE B 313 12.44 21.90 -24.91
N ILE B 314 12.51 21.04 -23.89
CA ILE B 314 13.81 20.56 -23.40
C ILE B 314 14.50 19.71 -24.47
N ALA B 315 13.75 18.81 -25.11
CA ALA B 315 14.33 17.99 -26.18
C ALA B 315 14.87 18.85 -27.30
N ASP B 316 14.10 19.86 -27.73
CA ASP B 316 14.55 20.75 -28.79
CA ASP B 316 14.55 20.75 -28.79
C ASP B 316 15.83 21.48 -28.42
N ARG B 317 15.88 22.02 -27.19
CA ARG B 317 17.09 22.73 -26.76
C ARG B 317 18.29 21.81 -26.76
N LEU B 318 18.11 20.56 -26.33
CA LEU B 318 19.22 19.63 -26.24
C LEU B 318 19.64 19.08 -27.60
N MET B 319 18.91 19.39 -28.67
CA MET B 319 19.34 19.03 -30.01
C MET B 319 19.99 20.19 -30.76
N ALA B 320 20.18 21.33 -30.09
CA ALA B 320 20.86 22.46 -30.70
C ALA B 320 22.32 22.10 -30.95
N PRO B 321 22.97 22.79 -31.90
CA PRO B 321 24.35 22.44 -32.26
C PRO B 321 25.34 22.52 -31.10
N ASP B 322 25.14 23.45 -30.16
CA ASP B 322 26.10 23.58 -29.06
C ASP B 322 26.09 22.34 -28.17
N VAL B 323 24.92 21.74 -27.96
CA VAL B 323 24.84 20.52 -27.17
C VAL B 323 25.32 19.33 -27.97
N ALA B 324 24.91 19.24 -29.25
CA ALA B 324 25.32 18.12 -30.08
C ALA B 324 26.83 18.05 -30.22
N LYS B 325 27.49 19.20 -30.35
CA LYS B 325 28.94 19.21 -30.51
C LYS B 325 29.66 18.73 -29.25
N ALA B 326 28.99 18.78 -28.10
CA ALA B 326 29.55 18.32 -26.84
C ALA B 326 29.34 16.83 -26.61
N GLY B 327 28.84 16.11 -27.61
CA GLY B 327 28.67 14.68 -27.49
C GLY B 327 27.42 14.25 -26.78
N VAL B 328 26.44 15.14 -26.64
CA VAL B 328 25.19 14.86 -25.96
C VAL B 328 24.11 14.77 -27.03
N SER B 329 23.24 13.76 -26.92
CA SER B 329 22.19 13.61 -27.91
C SER B 329 20.90 13.22 -27.22
N VAL B 330 19.81 13.43 -27.94
CA VAL B 330 18.47 13.12 -27.45
C VAL B 330 18.03 11.81 -28.07
N VAL B 331 17.69 10.85 -27.21
CA VAL B 331 17.29 9.52 -27.67
C VAL B 331 16.02 9.65 -28.51
N SER B 332 16.05 9.05 -29.71
CA SER B 332 14.98 9.04 -30.71
C SER B 332 14.81 10.40 -31.38
N GLY B 333 15.65 11.38 -31.06
CA GLY B 333 15.57 12.66 -31.73
C GLY B 333 14.39 13.51 -31.31
N GLY B 334 13.85 13.29 -30.11
CA GLY B 334 12.73 14.06 -29.65
C GLY B 334 11.93 13.28 -28.63
N THR B 335 10.72 13.77 -28.37
CA THR B 335 9.85 13.10 -27.42
C THR B 335 8.40 13.40 -27.77
N ASP B 336 7.53 12.44 -27.46
CA ASP B 336 6.09 12.66 -27.53
C ASP B 336 5.43 12.44 -26.18
N VAL B 337 6.22 12.42 -25.10
CA VAL B 337 5.69 12.12 -23.78
C VAL B 337 6.26 13.10 -22.77
N HIS B 338 6.12 12.78 -21.48
CA HIS B 338 6.43 13.68 -20.37
C HIS B 338 7.89 13.67 -19.98
N LEU B 339 8.77 13.11 -20.80
CA LEU B 339 10.16 13.01 -20.41
C LEU B 339 11.04 13.16 -21.63
N VAL B 340 12.33 13.39 -21.36
CA VAL B 340 13.37 13.38 -22.37
C VAL B 340 14.40 12.37 -21.94
N LEU B 341 14.81 11.51 -22.85
CA LEU B 341 15.93 10.59 -22.61
C LEU B 341 17.17 11.15 -23.29
N VAL B 342 18.23 11.30 -22.51
CA VAL B 342 19.48 11.90 -22.98
C VAL B 342 20.51 10.78 -23.09
N ASP B 343 21.23 10.77 -24.21
CA ASP B 343 22.30 9.82 -24.48
C ASP B 343 23.64 10.52 -24.27
N LEU B 344 24.45 10.01 -23.34
CA LEU B 344 25.75 10.59 -23.02
C LEU B 344 26.91 9.70 -23.45
N ARG B 345 26.70 8.76 -24.38
CA ARG B 345 27.77 7.84 -24.73
C ARG B 345 28.96 8.55 -25.36
N ASP B 346 28.74 9.67 -26.03
CA ASP B 346 29.82 10.45 -26.64
C ASP B 346 30.26 11.63 -25.79
N SER B 347 29.75 11.74 -24.57
CA SER B 347 30.05 12.86 -23.70
C SER B 347 31.09 12.46 -22.65
N PRO B 348 31.94 13.39 -22.21
CA PRO B 348 32.78 13.11 -21.03
C PRO B 348 31.97 12.80 -19.79
N LEU B 349 30.74 13.29 -19.72
CA LEU B 349 29.87 13.02 -18.58
C LEU B 349 29.24 11.64 -18.74
N ASP B 350 29.29 10.84 -17.69
CA ASP B 350 28.41 9.67 -17.63
C ASP B 350 27.11 10.05 -16.94
N GLY B 351 26.17 9.11 -16.90
CA GLY B 351 24.86 9.40 -16.35
C GLY B 351 24.93 9.82 -14.89
N GLN B 352 25.74 9.12 -14.11
CA GLN B 352 25.91 9.48 -12.70
C GLN B 352 26.51 10.87 -12.56
N ALA B 353 27.55 11.17 -13.33
CA ALA B 353 28.18 12.47 -13.22
C ALA B 353 27.23 13.58 -13.61
N ALA B 354 26.41 13.36 -14.65
CA ALA B 354 25.45 14.37 -15.06
C ALA B 354 24.35 14.55 -14.03
N GLU B 355 23.86 13.44 -13.47
CA GLU B 355 22.88 13.52 -12.39
C GLU B 355 23.43 14.30 -11.20
N ASP B 356 24.67 14.02 -10.81
CA ASP B 356 25.31 14.75 -9.72
C ASP B 356 25.46 16.23 -10.05
N LEU B 357 25.89 16.54 -11.27
CA LEU B 357 26.09 17.93 -11.66
C LEU B 357 24.76 18.69 -11.59
N LEU B 358 23.68 18.10 -12.11
CA LEU B 358 22.39 18.78 -12.04
C LEU B 358 21.91 18.90 -10.60
N HIS B 359 22.20 17.92 -9.74
CA HIS B 359 21.86 18.07 -8.33
C HIS B 359 22.53 19.30 -7.73
N GLU B 360 23.78 19.57 -8.12
CA GLU B 360 24.47 20.75 -7.59
C GLU B 360 23.76 22.04 -7.99
N VAL B 361 23.10 22.06 -9.14
CA VAL B 361 22.34 23.23 -9.60
CA VAL B 361 22.38 23.28 -9.52
C VAL B 361 20.98 23.32 -8.93
N GLY B 362 20.50 22.23 -8.33
CA GLY B 362 19.19 22.21 -7.72
C GLY B 362 18.15 21.45 -8.52
N ILE B 363 18.55 20.66 -9.49
CA ILE B 363 17.63 19.93 -10.36
C ILE B 363 17.81 18.45 -10.11
N THR B 364 16.71 17.75 -9.82
CA THR B 364 16.75 16.34 -9.53
C THR B 364 16.31 15.57 -10.77
N VAL B 365 17.22 14.76 -11.32
CA VAL B 365 16.93 13.85 -12.42
C VAL B 365 17.40 12.47 -12.00
N ASN B 366 17.27 11.49 -12.88
CA ASN B 366 17.99 10.26 -12.58
C ASN B 366 18.71 9.75 -13.80
N ARG B 367 19.82 9.06 -13.54
CA ARG B 367 20.58 8.40 -14.58
C ARG B 367 19.74 7.28 -15.17
N ASN B 368 20.10 6.88 -16.38
CA ASN B 368 19.27 5.98 -17.15
C ASN B 368 20.14 5.16 -18.07
N ALA B 369 19.99 3.84 -18.01
CA ALA B 369 20.74 2.96 -18.90
C ALA B 369 20.30 3.17 -20.34
N VAL B 370 21.28 3.19 -21.24
CA VAL B 370 20.99 3.20 -22.67
C VAL B 370 21.25 1.78 -23.16
N PRO B 371 20.64 1.36 -24.26
CA PRO B 371 20.96 0.03 -24.81
C PRO B 371 22.44 -0.07 -25.16
N ASN B 372 23.01 -1.26 -24.93
CA ASN B 372 24.43 -1.52 -25.18
CA ASN B 372 24.43 -1.51 -25.20
C ASN B 372 25.30 -0.46 -24.52
N ASP B 373 24.95 -0.12 -23.29
CA ASP B 373 25.62 0.93 -22.54
C ASP B 373 27.08 0.58 -22.29
N PRO B 374 28.03 1.42 -22.68
CA PRO B 374 29.44 1.13 -22.41
C PRO B 374 29.84 1.26 -20.95
N ARG B 375 28.95 1.78 -20.09
CA ARG B 375 29.26 2.02 -18.69
C ARG B 375 28.50 1.07 -17.78
N PRO B 376 28.98 0.88 -16.54
CA PRO B 376 28.33 -0.08 -15.65
C PRO B 376 26.90 0.31 -15.34
N PRO B 377 26.06 -0.66 -14.97
CA PRO B 377 24.62 -0.39 -14.84
C PRO B 377 24.25 0.62 -13.78
N MET B 378 25.07 0.81 -12.74
CA MET B 378 24.78 1.83 -11.75
C MET B 378 25.38 3.19 -12.10
N VAL B 379 26.12 3.26 -13.20
CA VAL B 379 26.74 4.50 -13.67
C VAL B 379 25.93 5.03 -14.85
N THR B 380 25.79 4.19 -15.89
CA THR B 380 25.02 4.44 -17.12
C THR B 380 25.61 5.54 -17.98
N SER B 381 25.12 5.61 -19.23
CA SER B 381 25.45 6.68 -20.16
C SER B 381 24.22 7.49 -20.55
N GLY B 382 23.27 7.65 -19.64
CA GLY B 382 22.06 8.35 -20.00
C GLY B 382 21.41 9.06 -18.83
N LEU B 383 20.42 9.89 -19.17
CA LEU B 383 19.59 10.57 -18.19
C LEU B 383 18.14 10.46 -18.59
N ARG B 384 17.27 10.42 -17.59
CA ARG B 384 15.84 10.55 -17.77
C ARG B 384 15.42 11.85 -17.10
N ILE B 385 14.84 12.77 -17.88
CA ILE B 385 14.46 14.10 -17.40
C ILE B 385 12.95 14.25 -17.59
N GLY B 386 12.22 14.46 -16.50
CA GLY B 386 10.77 14.51 -16.56
C GLY B 386 10.21 15.89 -16.23
N THR B 387 9.08 16.22 -16.84
CA THR B 387 8.41 17.50 -16.63
C THR B 387 7.12 17.50 -15.78
N PRO B 388 6.49 16.36 -15.42
CA PRO B 388 5.19 16.48 -14.72
C PRO B 388 5.23 17.29 -13.43
N ALA B 389 6.24 17.09 -12.58
CA ALA B 389 6.23 17.74 -11.28
C ALA B 389 6.34 19.25 -11.43
N LEU B 390 7.19 19.72 -12.34
CA LEU B 390 7.30 21.16 -12.55
C LEU B 390 6.06 21.73 -13.22
N ALA B 391 5.42 20.99 -14.13
CA ALA B 391 4.16 21.45 -14.69
C ALA B 391 3.10 21.60 -13.59
N THR B 392 3.01 20.61 -12.70
CA THR B 392 2.08 20.71 -11.58
C THR B 392 2.37 21.95 -10.74
N ARG B 393 3.67 22.23 -10.51
CA ARG B 393 4.09 23.40 -9.77
C ARG B 393 3.75 24.70 -10.48
N GLY B 394 3.44 24.65 -11.77
CA GLY B 394 2.94 25.81 -12.49
C GLY B 394 3.76 26.23 -13.68
N PHE B 395 4.86 25.53 -13.98
CA PHE B 395 5.74 25.95 -15.08
C PHE B 395 5.01 25.86 -16.41
N GLY B 396 5.21 26.89 -17.25
CA GLY B 396 4.72 26.87 -18.61
C GLY B 396 5.87 26.96 -19.59
N ASP B 397 5.59 27.33 -20.85
CA ASP B 397 6.62 27.27 -21.88
C ASP B 397 7.80 28.19 -21.55
N THR B 398 7.52 29.38 -21.00
CA THR B 398 8.61 30.28 -20.66
C THR B 398 9.54 29.67 -19.63
N GLU B 399 8.96 29.06 -18.59
CA GLU B 399 9.77 28.45 -17.53
C GLU B 399 10.51 27.22 -18.03
N PHE B 400 9.87 26.40 -18.86
CA PHE B 400 10.57 25.23 -19.36
C PHE B 400 11.66 25.62 -20.36
N THR B 401 11.50 26.75 -21.06
CA THR B 401 12.58 27.24 -21.90
C THR B 401 13.80 27.57 -21.05
N GLU B 402 13.57 28.20 -19.88
CA GLU B 402 14.66 28.51 -18.98
C GLU B 402 15.29 27.24 -18.40
N VAL B 403 14.44 26.31 -17.94
CA VAL B 403 14.96 25.04 -17.41
C VAL B 403 15.78 24.32 -18.47
N ALA B 404 15.28 24.29 -19.71
CA ALA B 404 16.00 23.63 -20.78
C ALA B 404 17.38 24.25 -20.98
N ASP B 405 17.46 25.58 -20.93
CA ASP B 405 18.74 26.22 -21.17
C ASP B 405 19.71 25.97 -20.02
N ILE B 406 19.20 25.90 -18.79
CA ILE B 406 20.04 25.53 -17.65
C ILE B 406 20.62 24.14 -17.84
N ILE B 407 19.77 23.17 -18.17
CA ILE B 407 20.24 21.80 -18.36
C ILE B 407 21.22 21.74 -19.52
N ALA B 408 20.88 22.38 -20.63
CA ALA B 408 21.76 22.34 -21.80
C ALA B 408 23.13 22.92 -21.48
N THR B 409 23.17 24.03 -20.74
CA THR B 409 24.45 24.63 -20.39
C THR B 409 25.28 23.68 -19.54
N ALA B 410 24.65 23.02 -18.57
CA ALA B 410 25.38 22.07 -17.73
C ALA B 410 25.90 20.90 -18.55
N LEU B 411 25.05 20.31 -19.40
CA LEU B 411 25.43 19.10 -20.11
C LEU B 411 26.43 19.38 -21.23
N ALA B 412 26.32 20.54 -21.87
CA ALA B 412 27.25 20.86 -22.95
C ALA B 412 28.61 21.28 -22.42
N THR B 413 28.64 21.96 -21.27
CA THR B 413 29.90 22.43 -20.73
C THR B 413 30.60 21.35 -19.92
N GLY B 414 29.84 20.57 -19.17
CA GLY B 414 30.42 19.56 -18.30
C GLY B 414 30.68 20.09 -16.91
N SER B 415 31.50 19.34 -16.16
CA SER B 415 31.63 19.59 -14.74
C SER B 415 32.34 20.91 -14.41
N SER B 416 32.98 21.56 -15.38
CA SER B 416 33.62 22.85 -15.13
C SER B 416 32.66 24.03 -15.33
N VAL B 417 31.38 23.74 -15.59
CA VAL B 417 30.41 24.80 -15.83
C VAL B 417 30.26 25.71 -14.60
N ASP B 418 29.84 26.96 -14.87
CA ASP B 418 29.53 27.94 -13.82
C ASP B 418 28.27 27.49 -13.09
N VAL B 419 28.46 26.61 -12.11
CA VAL B 419 27.36 26.06 -11.33
C VAL B 419 26.67 27.15 -10.52
N SER B 420 27.44 28.11 -10.01
CA SER B 420 26.83 29.16 -9.19
CA SER B 420 26.83 29.16 -9.19
C SER B 420 25.76 29.91 -9.97
N ALA B 421 26.05 30.25 -11.23
CA ALA B 421 25.08 30.99 -12.05
C ALA B 421 23.85 30.14 -12.35
N LEU B 422 24.07 28.86 -12.70
CA LEU B 422 22.93 27.98 -12.97
C LEU B 422 22.09 27.75 -11.72
N LYS B 423 22.75 27.58 -10.56
CA LYS B 423 22.03 27.42 -9.30
C LYS B 423 21.16 28.65 -9.01
N ASP B 424 21.69 29.85 -9.26
CA ASP B 424 20.91 31.07 -9.07
C ASP B 424 19.68 31.07 -9.97
N ARG B 425 19.84 30.66 -11.23
CA ARG B 425 18.71 30.61 -12.14
C ARG B 425 17.67 29.59 -11.70
N ALA B 426 18.12 28.42 -11.22
CA ALA B 426 17.17 27.43 -10.75
C ALA B 426 16.45 27.91 -9.49
N THR B 427 17.17 28.58 -8.59
CA THR B 427 16.56 29.10 -7.37
C THR B 427 15.53 30.18 -7.69
N ARG B 428 15.81 31.03 -8.67
CA ARG B 428 14.84 32.05 -9.07
C ARG B 428 13.55 31.41 -9.56
N LEU B 429 13.64 30.33 -10.34
CA LEU B 429 12.43 29.62 -10.76
C LEU B 429 11.69 29.04 -9.56
N ALA B 430 12.41 28.41 -8.63
CA ALA B 430 11.75 27.82 -7.46
C ALA B 430 11.04 28.88 -6.64
N ARG B 431 11.65 30.06 -6.51
CA ARG B 431 11.03 31.10 -5.71
C ARG B 431 9.85 31.75 -6.41
N ALA B 432 9.88 31.77 -7.75
CA ALA B 432 8.79 32.38 -8.52
C ALA B 432 7.55 31.51 -8.50
N PHE B 433 7.69 30.22 -8.25
CA PHE B 433 6.58 29.28 -8.26
C PHE B 433 6.56 28.55 -6.91
N PRO B 434 6.03 29.20 -5.87
CA PRO B 434 5.97 28.55 -4.55
C PRO B 434 5.20 27.24 -4.61
N LEU B 435 5.65 26.28 -3.82
CA LEU B 435 5.06 24.95 -3.76
C LEU B 435 4.33 24.80 -2.43
N TYR B 436 3.08 24.34 -2.48
CA TYR B 436 2.28 24.10 -1.28
C TYR B 436 2.22 25.36 -0.41
N ASP B 437 2.09 26.51 -1.07
CA ASP B 437 1.97 27.77 -0.34
C ASP B 437 0.70 27.73 0.51
N GLY B 438 0.87 27.85 1.82
CA GLY B 438 -0.23 27.80 2.75
C GLY B 438 -0.46 26.47 3.43
N LEU B 439 0.30 25.43 3.08
CA LEU B 439 0.07 24.10 3.65
CA LEU B 439 0.06 24.10 3.65
C LEU B 439 0.08 24.14 5.18
N GLU B 440 0.94 24.99 5.75
CA GLU B 440 1.05 25.09 7.21
C GLU B 440 -0.21 25.60 7.87
N GLU B 441 -1.18 26.10 7.10
CA GLU B 441 -2.45 26.55 7.66
C GLU B 441 -3.63 25.66 7.29
N TRP B 442 -3.43 24.68 6.42
CA TRP B 442 -4.55 23.85 5.96
C TRP B 442 -5.00 22.88 7.06
N SER B 443 -6.30 22.70 7.19
CA SER B 443 -6.86 21.78 8.17
CA SER B 443 -6.88 21.80 8.17
C SER B 443 -7.00 20.37 7.60
N LEU B 444 -7.07 19.39 8.50
CA LEU B 444 -7.28 18.01 8.09
C LEU B 444 -8.59 17.86 7.31
N VAL B 445 -9.68 18.40 7.85
CA VAL B 445 -10.97 18.35 7.17
C VAL B 445 -11.57 19.75 7.16
N GLY B 446 -12.58 19.92 6.30
CA GLY B 446 -13.22 21.22 6.18
C GLY B 446 -12.36 22.21 5.42
N ARG B 447 -12.72 23.48 5.57
CA ARG B 447 -12.08 24.53 4.79
C ARG B 447 -11.06 25.31 5.62
N1 PLP C . -1.88 -11.87 8.87
C2 PLP C . -2.88 -11.96 9.75
C2A PLP C . -2.71 -12.93 10.88
C3 PLP C . -4.06 -11.23 9.61
O3 PLP C . -5.03 -11.38 10.54
C4 PLP C . -4.22 -10.36 8.51
C4A PLP C . -5.44 -9.56 8.35
C5 PLP C . -3.15 -10.29 7.58
C6 PLP C . -2.03 -11.04 7.83
C5A PLP C . -3.26 -9.48 6.31
O4P PLP C . -3.01 -8.09 6.59
P PLP C . -3.56 -6.99 5.56
O1P PLP C . -2.96 -5.69 6.05
O2P PLP C . -5.07 -7.01 5.61
O3P PLP C . -3.03 -7.37 4.16
N GLY D . -6.59 -10.36 8.79
CA GLY D . -7.73 -9.46 8.81
C GLY D . -8.59 -9.72 10.01
O GLY D . -9.69 -9.15 10.12
OXT GLY D . -8.21 -10.51 10.88
N SER E . 8.59 2.97 -11.87
CA SER E . 9.14 4.09 -11.13
C SER E . 9.98 4.96 -12.04
O SER E . 10.75 5.85 -11.61
CB SER E . 9.95 3.57 -9.98
OG SER E . 11.22 3.13 -10.45
OXT SER E . 9.91 4.79 -13.25
N1 PLP F . 5.09 0.05 -13.75
C2 PLP F . 5.86 1.03 -14.23
C2A PLP F . 5.87 1.23 -15.72
C3 PLP F . 6.64 1.83 -13.39
O3 PLP F . 7.40 2.80 -13.96
C4 PLP F . 6.64 1.60 -12.00
C4A PLP F . 7.46 2.43 -11.10
C5 PLP F . 5.84 0.54 -11.52
C6 PLP F . 5.10 -0.17 -12.43
C5A PLP F . 5.83 0.15 -10.07
O4P PLP F . 5.05 1.08 -9.31
P PLP F . 5.28 1.18 -7.71
O1P PLP F . 4.13 2.08 -7.20
O2P PLP F . 6.68 1.77 -7.53
O3P PLP F . 5.15 -0.22 -7.18
C1 MPD G . 7.76 -22.81 -11.56
C2 MPD G . 8.87 -21.76 -11.69
O2 MPD G . 8.26 -20.45 -11.54
CM MPD G . 9.91 -21.93 -10.60
C3 MPD G . 9.52 -21.84 -13.08
C4 MPD G . 9.80 -20.46 -13.66
O4 MPD G . 11.13 -20.10 -13.40
C5 MPD G . 9.60 -20.47 -15.18
C1 MPD H . -12.86 -9.79 -4.42
C2 MPD H . -13.53 -11.16 -4.58
O2 MPD H . -12.76 -12.16 -3.88
CM MPD H . -13.53 -11.49 -6.06
C3 MPD H . -15.01 -11.15 -4.17
C4 MPD H . -15.34 -11.67 -2.78
O4 MPD H . -14.20 -12.07 -2.05
C5 MPD H . -16.10 -10.60 -2.03
#